data_3JZF
#
_entry.id   3JZF
#
_cell.length_a   84.370
_cell.length_b   107.514
_cell.length_c   122.345
_cell.angle_alpha   90.00
_cell.angle_beta   90.00
_cell.angle_gamma   90.00
#
_symmetry.space_group_name_H-M   'P 21 21 21'
#
loop_
_entity.id
_entity.type
_entity.pdbx_description
1 polymer 'Biotin carboxylase'
2 non-polymer 'CARBONATE ION'
3 non-polymer 2-[(2-chlorobenzyl)amino]-1-(cyclohexylmethyl)-1H-benzimidazole-5-carboxamide
4 water water
#
_entity_poly.entity_id   1
_entity_poly.type   'polypeptide(L)'
_entity_poly.pdbx_seq_one_letter_code
;MGHHHHHHHHHHSSGHIEGRHMLDKIVIANRGEIALRILRACKELGIKTVAVHSSADRDLKHVLLADETVCIGPAPSVKS
YLNIPAIISAAEITGAVAIHPGYGFLSENANFAEQVERSGFIFIGPKAETIRLMGDKVSAIAAMKKAGVPCVPGSDGPLG
DDMDKNRAIAKRIGYPVIIKASGGGGGRGMRVVRGDAELAQSISMTRAEAKAAFSNDMVYMEKYLENPRHVEIQVLADGQ
GNAIYLAERDCSMQRRHQKVVEEAPAPGITPELRRYIGERCAKACVDIGYRGAGTFEFLFENGEFYFIEMNTRIQVEHPV
TEMITGVDLIKEQLRIAAGQPLSIKQEEVHVRGHAVECRINAEDPNTFLPSPGKITRFHAPGGFGVRWESHIYAGYTVPP
YYDSMIGKLICYGENRDVAIARMKNALQELIIDGIKTNVDLQIRIMNDENFQHGGTNIHYLEKKLGLQEKSDPNSSSVDK
LAAALE
;
_entity_poly.pdbx_strand_id   A,B
#
loop_
_chem_comp.id
_chem_comp.type
_chem_comp.name
_chem_comp.formula
CO3 non-polymer 'CARBONATE ION' 'C O3 -2'
JZK non-polymer 2-[(2-chlorobenzyl)amino]-1-(cyclohexylmethyl)-1H-benzimidazole-5-carboxamide 'C22 H25 Cl N4 O'
#
# COMPACT_ATOMS: atom_id res chain seq x y z
N MET A 22 -2.25 22.57 -16.35
CA MET A 22 -1.70 21.32 -16.89
C MET A 22 -1.85 21.22 -18.42
N LEU A 23 -1.12 20.26 -19.02
CA LEU A 23 -1.17 19.93 -20.44
C LEU A 23 -2.52 19.26 -20.65
N ASP A 24 -3.27 19.70 -21.65
CA ASP A 24 -4.60 19.14 -21.88
C ASP A 24 -4.59 17.66 -22.24
N LYS A 25 -3.70 17.29 -23.17
CA LYS A 25 -3.67 15.97 -23.78
C LYS A 25 -2.26 15.63 -24.25
N ILE A 26 -1.81 14.39 -23.97
CA ILE A 26 -0.47 13.99 -24.38
C ILE A 26 -0.47 12.67 -25.13
N VAL A 27 0.51 12.52 -26.01
CA VAL A 27 0.77 11.30 -26.73
C VAL A 27 1.84 10.57 -25.94
N ILE A 28 1.58 9.29 -25.61
CA ILE A 28 2.56 8.46 -24.92
C ILE A 28 3.28 7.71 -26.04
N ALA A 29 4.44 8.23 -26.46
CA ALA A 29 5.22 7.63 -27.56
C ALA A 29 6.13 6.55 -27.01
N ASN A 30 5.50 5.47 -26.53
CA ASN A 30 6.16 4.29 -25.95
C ASN A 30 5.16 3.16 -25.79
N ARG A 31 5.57 2.09 -25.11
CA ARG A 31 4.81 0.86 -24.97
C ARG A 31 5.16 0.16 -23.65
N GLY A 32 4.56 -1.00 -23.41
CA GLY A 32 4.84 -1.82 -22.24
C GLY A 32 4.62 -1.16 -20.90
N GLU A 33 5.49 -1.49 -19.91
CA GLU A 33 5.32 -1.00 -18.55
C GLU A 33 5.44 0.52 -18.38
N ILE A 34 6.39 1.15 -19.09
CA ILE A 34 6.61 2.60 -18.99
C ILE A 34 5.43 3.39 -19.52
N ALA A 35 4.79 2.89 -20.56
CA ALA A 35 3.62 3.55 -21.15
C ALA A 35 2.47 3.54 -20.15
N LEU A 36 2.32 2.42 -19.40
CA LEU A 36 1.30 2.27 -18.35
C LEU A 36 1.63 3.19 -17.18
N ARG A 37 2.92 3.28 -16.82
CA ARG A 37 3.42 4.17 -15.77
C ARG A 37 3.02 5.61 -16.07
N ILE A 38 3.23 6.05 -17.33
CA ILE A 38 2.95 7.41 -17.80
C ILE A 38 1.46 7.66 -17.79
N LEU A 39 0.66 6.70 -18.28
CA LEU A 39 -0.80 6.83 -18.31
C LEU A 39 -1.36 7.09 -16.90
N ARG A 40 -0.88 6.35 -15.88
CA ARG A 40 -1.35 6.55 -14.50
C ARG A 40 -1.05 7.96 -14.01
N ALA A 41 0.16 8.48 -14.29
CA ALA A 41 0.54 9.84 -13.90
C ALA A 41 -0.38 10.89 -14.57
N CYS A 42 -0.68 10.70 -15.88
CA CYS A 42 -1.58 11.57 -16.64
C CYS A 42 -2.97 11.58 -16.03
N LYS A 43 -3.54 10.39 -15.75
CA LYS A 43 -4.88 10.22 -15.16
C LYS A 43 -4.99 10.93 -13.80
N GLU A 44 -3.94 10.83 -12.97
CA GLU A 44 -3.87 11.48 -11.66
C GLU A 44 -3.91 13.01 -11.79
N LEU A 45 -3.31 13.55 -12.86
CA LEU A 45 -3.29 14.99 -13.11
C LEU A 45 -4.46 15.47 -13.98
N GLY A 46 -5.29 14.54 -14.43
CA GLY A 46 -6.42 14.85 -15.31
C GLY A 46 -6.03 15.16 -16.74
N ILE A 47 -4.84 14.68 -17.16
CA ILE A 47 -4.35 14.86 -18.52
C ILE A 47 -4.94 13.75 -19.40
N LYS A 48 -5.48 14.12 -20.58
CA LYS A 48 -6.02 13.15 -21.53
C LYS A 48 -4.90 12.37 -22.19
N THR A 49 -5.12 11.08 -22.44
CA THR A 49 -4.05 10.27 -23.02
C THR A 49 -4.35 9.80 -24.43
N VAL A 50 -3.31 9.78 -25.26
CA VAL A 50 -3.36 9.27 -26.62
C VAL A 50 -2.32 8.14 -26.65
N ALA A 51 -2.78 6.90 -26.79
CA ALA A 51 -1.88 5.77 -26.89
C ALA A 51 -1.61 5.47 -28.35
N VAL A 52 -0.39 5.75 -28.80
CA VAL A 52 0.06 5.42 -30.16
C VAL A 52 0.66 4.02 -30.03
N HIS A 53 0.29 3.11 -30.93
CA HIS A 53 0.77 1.74 -30.82
C HIS A 53 0.96 1.08 -32.17
N SER A 54 1.79 0.03 -32.21
CA SER A 54 1.99 -0.79 -33.39
C SER A 54 0.77 -1.73 -33.49
N SER A 55 0.59 -2.39 -34.64
CA SER A 55 -0.52 -3.33 -34.85
C SER A 55 -0.38 -4.57 -33.93
N ALA A 56 0.85 -4.85 -33.44
CA ALA A 56 1.13 -5.98 -32.55
C ALA A 56 0.80 -5.67 -31.08
N ASP A 57 0.58 -4.39 -30.75
CA ASP A 57 0.36 -3.91 -29.39
C ASP A 57 -1.05 -3.38 -29.10
N ARG A 58 -2.05 -3.84 -29.86
CA ARG A 58 -3.44 -3.42 -29.66
C ARG A 58 -3.97 -3.82 -28.27
N ASP A 59 -3.41 -4.91 -27.70
CA ASP A 59 -3.83 -5.47 -26.41
C ASP A 59 -2.99 -5.07 -25.21
N LEU A 60 -2.10 -4.08 -25.37
CA LEU A 60 -1.33 -3.55 -24.26
C LEU A 60 -2.29 -2.96 -23.25
N LYS A 61 -2.05 -3.19 -21.96
CA LYS A 61 -2.89 -2.70 -20.88
C LYS A 61 -3.14 -1.17 -20.98
N HIS A 62 -2.06 -0.37 -21.23
CA HIS A 62 -2.21 1.09 -21.31
C HIS A 62 -3.08 1.53 -22.50
N VAL A 63 -2.98 0.79 -23.62
CA VAL A 63 -3.78 1.04 -24.84
C VAL A 63 -5.25 0.86 -24.48
N LEU A 64 -5.58 -0.23 -23.74
CA LEU A 64 -6.96 -0.52 -23.34
C LEU A 64 -7.50 0.49 -22.32
N LEU A 65 -6.61 1.18 -21.58
CA LEU A 65 -7.01 2.18 -20.58
C LEU A 65 -7.01 3.62 -21.10
N ALA A 66 -6.33 3.88 -22.23
CA ALA A 66 -6.19 5.21 -22.82
C ALA A 66 -7.51 5.82 -23.27
N ASP A 67 -7.61 7.17 -23.26
CA ASP A 67 -8.80 7.91 -23.70
C ASP A 67 -8.98 7.77 -25.21
N GLU A 68 -7.87 7.85 -25.98
CA GLU A 68 -7.85 7.68 -27.44
C GLU A 68 -6.68 6.80 -27.78
N THR A 69 -6.79 6.08 -28.90
CA THR A 69 -5.75 5.19 -29.42
C THR A 69 -5.58 5.44 -30.92
N VAL A 70 -4.33 5.28 -31.42
CA VAL A 70 -3.98 5.43 -32.83
C VAL A 70 -3.01 4.33 -33.19
N CYS A 71 -3.33 3.54 -34.23
CA CYS A 71 -2.37 2.55 -34.69
C CYS A 71 -1.37 3.28 -35.61
N ILE A 72 -0.09 3.33 -35.23
CA ILE A 72 0.93 4.07 -35.98
C ILE A 72 1.73 3.29 -37.00
N GLY A 73 1.45 2.00 -37.13
CA GLY A 73 2.13 1.17 -38.10
C GLY A 73 2.23 -0.30 -37.75
N PRO A 74 2.88 -1.11 -38.64
CA PRO A 74 3.06 -2.53 -38.34
C PRO A 74 4.02 -2.80 -37.17
N ALA A 75 4.15 -4.07 -36.77
CA ALA A 75 4.98 -4.55 -35.64
C ALA A 75 6.42 -4.01 -35.51
N PRO A 76 7.32 -4.03 -36.53
CA PRO A 76 8.69 -3.55 -36.29
C PRO A 76 8.73 -2.10 -35.80
N SER A 77 9.53 -1.83 -34.76
CA SER A 77 9.68 -0.52 -34.13
C SER A 77 10.03 0.56 -35.14
N VAL A 78 10.88 0.24 -36.15
CA VAL A 78 11.28 1.14 -37.27
C VAL A 78 10.04 1.67 -38.03
N LYS A 79 8.99 0.84 -38.10
CA LYS A 79 7.74 1.16 -38.79
C LYS A 79 6.71 1.80 -37.86
N SER A 80 6.96 1.79 -36.55
CA SER A 80 5.99 2.29 -35.57
C SER A 80 6.62 3.20 -34.53
N TYR A 81 7.09 2.64 -33.40
CA TYR A 81 7.68 3.38 -32.28
C TYR A 81 8.86 4.28 -32.60
N LEU A 82 9.56 4.01 -33.72
CA LEU A 82 10.72 4.82 -34.15
C LEU A 82 10.37 5.69 -35.36
N ASN A 83 9.11 5.61 -35.79
CA ASN A 83 8.59 6.32 -36.95
C ASN A 83 8.13 7.72 -36.57
N ILE A 84 9.06 8.68 -36.65
CA ILE A 84 8.83 10.10 -36.32
C ILE A 84 7.61 10.70 -37.05
N PRO A 85 7.51 10.66 -38.41
CA PRO A 85 6.32 11.22 -39.07
C PRO A 85 5.00 10.60 -38.59
N ALA A 86 4.96 9.28 -38.33
CA ALA A 86 3.73 8.62 -37.84
C ALA A 86 3.34 9.12 -36.43
N ILE A 87 4.32 9.29 -35.52
CA ILE A 87 4.05 9.78 -34.15
C ILE A 87 3.54 11.23 -34.16
N ILE A 88 4.20 12.12 -34.92
CA ILE A 88 3.83 13.54 -35.08
C ILE A 88 2.42 13.66 -35.66
N SER A 89 2.12 12.87 -36.70
CA SER A 89 0.82 12.86 -37.36
C SER A 89 -0.29 12.46 -36.38
N ALA A 90 -0.04 11.44 -35.53
CA ALA A 90 -1.01 11.01 -34.52
C ALA A 90 -1.24 12.11 -33.48
N ALA A 91 -0.17 12.80 -33.08
CA ALA A 91 -0.27 13.90 -32.13
C ALA A 91 -1.07 15.07 -32.72
N GLU A 92 -0.89 15.35 -34.02
CA GLU A 92 -1.63 16.40 -34.74
C GLU A 92 -3.12 16.11 -34.88
N ILE A 93 -3.48 14.91 -35.35
CA ILE A 93 -4.88 14.52 -35.56
C ILE A 93 -5.70 14.44 -34.28
N THR A 94 -5.07 14.06 -33.16
CA THR A 94 -5.77 13.91 -31.88
C THR A 94 -5.90 15.20 -31.10
N GLY A 95 -5.24 16.25 -31.55
CA GLY A 95 -5.28 17.54 -30.88
C GLY A 95 -4.45 17.56 -29.62
N ALA A 96 -3.43 16.67 -29.52
CA ALA A 96 -2.50 16.63 -28.38
C ALA A 96 -1.62 17.88 -28.37
N VAL A 97 -1.01 18.19 -27.21
CA VAL A 97 -0.11 19.35 -27.08
C VAL A 97 1.31 18.97 -26.66
N ALA A 98 1.49 17.73 -26.18
CA ALA A 98 2.79 17.28 -25.70
C ALA A 98 3.02 15.80 -25.96
N ILE A 99 4.29 15.40 -25.98
CA ILE A 99 4.67 14.01 -26.22
C ILE A 99 5.67 13.54 -25.16
N HIS A 100 5.33 12.45 -24.46
CA HIS A 100 6.22 11.82 -23.49
C HIS A 100 6.87 10.64 -24.21
N PRO A 101 8.21 10.68 -24.37
CA PRO A 101 8.88 9.59 -25.09
C PRO A 101 9.27 8.35 -24.26
N GLY A 102 9.06 8.41 -22.94
CA GLY A 102 9.43 7.34 -22.01
C GLY A 102 10.94 7.18 -21.96
N TYR A 103 11.40 5.93 -21.94
CA TYR A 103 12.83 5.61 -22.02
C TYR A 103 13.02 4.74 -23.25
N GLY A 104 14.26 4.62 -23.72
CA GLY A 104 14.55 3.88 -24.94
C GLY A 104 13.93 4.60 -26.12
N PHE A 105 13.68 3.87 -27.21
CA PHE A 105 13.07 4.39 -28.44
C PHE A 105 13.60 5.76 -28.88
N LEU A 106 12.75 6.80 -28.89
CA LEU A 106 13.12 8.15 -29.32
C LEU A 106 13.41 9.13 -28.21
N SER A 107 13.42 8.67 -26.93
CA SER A 107 13.63 9.56 -25.77
C SER A 107 14.93 10.34 -25.80
N GLU A 108 15.99 9.74 -26.35
CA GLU A 108 17.31 10.35 -26.44
C GLU A 108 17.73 10.66 -27.88
N ASN A 109 16.75 10.72 -28.77
CA ASN A 109 16.93 11.07 -30.16
C ASN A 109 16.71 12.59 -30.25
N ALA A 110 17.81 13.36 -30.35
CA ALA A 110 17.76 14.83 -30.39
C ALA A 110 16.98 15.39 -31.58
N ASN A 111 17.05 14.71 -32.76
CA ASN A 111 16.29 15.12 -33.95
C ASN A 111 14.80 15.01 -33.70
N PHE A 112 14.38 13.98 -32.94
CA PHE A 112 12.97 13.80 -32.60
C PHE A 112 12.52 14.94 -31.68
N ALA A 113 13.31 15.27 -30.63
CA ALA A 113 13.00 16.35 -29.70
C ALA A 113 12.86 17.70 -30.41
N GLU A 114 13.77 17.96 -31.36
CA GLU A 114 13.83 19.17 -32.19
C GLU A 114 12.56 19.25 -33.05
N GLN A 115 12.19 18.15 -33.73
CA GLN A 115 11.00 18.10 -34.57
C GLN A 115 9.68 18.26 -33.80
N VAL A 116 9.57 17.65 -32.59
CA VAL A 116 8.38 17.75 -31.74
C VAL A 116 8.09 19.23 -31.44
N GLU A 117 9.15 19.97 -31.06
CA GLU A 117 9.09 21.40 -30.74
C GLU A 117 8.86 22.25 -32.00
N ARG A 118 9.57 21.97 -33.12
CA ARG A 118 9.36 22.71 -34.37
C ARG A 118 7.91 22.51 -34.84
N SER A 119 7.32 21.32 -34.58
CA SER A 119 5.91 21.05 -34.91
C SER A 119 4.92 21.75 -33.95
N GLY A 120 5.45 22.45 -32.94
CA GLY A 120 4.63 23.21 -31.99
C GLY A 120 4.12 22.46 -30.78
N PHE A 121 4.66 21.26 -30.51
CA PHE A 121 4.27 20.46 -29.34
C PHE A 121 5.29 20.65 -28.26
N ILE A 122 4.91 20.29 -27.03
CA ILE A 122 5.86 20.30 -25.92
C ILE A 122 6.52 18.91 -25.90
N PHE A 123 7.85 18.85 -25.83
CA PHE A 123 8.57 17.58 -25.72
C PHE A 123 8.81 17.38 -24.23
N ILE A 124 8.27 16.27 -23.66
CA ILE A 124 8.43 15.98 -22.22
C ILE A 124 9.85 15.41 -22.00
N GLY A 125 10.81 16.34 -22.01
CA GLY A 125 12.23 16.05 -21.88
C GLY A 125 13.09 17.30 -22.01
N PRO A 126 14.42 17.15 -22.16
CA PRO A 126 15.26 18.34 -22.28
C PRO A 126 15.25 18.93 -23.68
N LYS A 127 15.94 20.07 -23.86
CA LYS A 127 16.05 20.69 -25.19
C LYS A 127 16.92 19.79 -26.02
N ALA A 128 16.66 19.78 -27.35
CA ALA A 128 17.41 18.98 -28.31
C ALA A 128 18.93 19.21 -28.21
N GLU A 129 19.36 20.44 -27.89
CA GLU A 129 20.78 20.79 -27.76
C GLU A 129 21.42 20.07 -26.56
N THR A 130 20.66 19.90 -25.46
CA THR A 130 21.15 19.22 -24.26
C THR A 130 21.30 17.72 -24.54
N ILE A 131 20.35 17.15 -25.28
CA ILE A 131 20.37 15.74 -25.65
C ILE A 131 21.65 15.49 -26.48
N ARG A 132 21.95 16.38 -27.44
CA ARG A 132 23.15 16.32 -28.29
C ARG A 132 24.41 16.47 -27.45
N LEU A 133 24.49 17.54 -26.63
CA LEU A 133 25.63 17.79 -25.76
C LEU A 133 25.98 16.55 -24.93
N MET A 134 24.97 15.96 -24.26
CA MET A 134 25.16 14.81 -23.38
C MET A 134 25.23 13.46 -24.10
N GLY A 135 24.72 13.40 -25.33
CA GLY A 135 24.72 12.20 -26.15
C GLY A 135 26.07 11.88 -26.77
N ASP A 136 26.98 12.85 -26.74
CA ASP A 136 28.33 12.73 -27.25
C ASP A 136 29.29 12.76 -26.06
N LYS A 137 29.93 11.60 -25.77
CA LYS A 137 30.86 11.40 -24.65
C LYS A 137 31.95 12.47 -24.53
N VAL A 138 32.50 12.92 -25.69
CA VAL A 138 33.52 13.96 -25.78
C VAL A 138 33.02 15.28 -25.18
N SER A 139 31.94 15.85 -25.74
CA SER A 139 31.34 17.12 -25.26
C SER A 139 30.72 16.96 -23.86
N ALA A 140 30.16 15.77 -23.55
CA ALA A 140 29.55 15.48 -22.24
C ALA A 140 30.60 15.56 -21.13
N ILE A 141 31.71 14.83 -21.27
CA ILE A 141 32.82 14.82 -20.32
C ILE A 141 33.40 16.23 -20.18
N ALA A 142 33.55 16.98 -21.29
CA ALA A 142 34.06 18.37 -21.25
C ALA A 142 33.09 19.27 -20.48
N ALA A 143 31.76 19.08 -20.67
CA ALA A 143 30.73 19.84 -19.95
C ALA A 143 30.77 19.52 -18.46
N MET A 144 31.03 18.23 -18.11
CA MET A 144 31.12 17.79 -16.71
C MET A 144 32.38 18.30 -16.01
N LYS A 145 33.53 18.27 -16.72
CA LYS A 145 34.80 18.79 -16.20
C LYS A 145 34.63 20.27 -15.90
N LYS A 146 33.96 21.02 -16.81
CA LYS A 146 33.67 22.45 -16.68
C LYS A 146 32.76 22.73 -15.49
N ALA A 147 31.69 21.91 -15.34
CA ALA A 147 30.69 22.03 -14.28
C ALA A 147 31.22 21.63 -12.90
N GLY A 148 32.32 20.87 -12.88
CA GLY A 148 32.95 20.41 -11.65
C GLY A 148 32.53 19.02 -11.21
N VAL A 149 31.97 18.24 -12.16
CA VAL A 149 31.54 16.86 -11.91
C VAL A 149 32.77 15.96 -12.12
N PRO A 150 33.15 15.14 -11.10
CA PRO A 150 34.35 14.30 -11.25
C PRO A 150 34.26 13.29 -12.39
N CYS A 151 35.31 13.26 -13.22
CA CYS A 151 35.42 12.37 -14.37
C CYS A 151 36.58 11.39 -14.17
N VAL A 152 36.65 10.37 -15.05
CA VAL A 152 37.72 9.37 -15.05
C VAL A 152 39.03 10.12 -15.44
N PRO A 153 40.04 10.21 -14.53
CA PRO A 153 41.29 10.92 -14.89
C PRO A 153 42.15 10.12 -15.86
N LYS A 223 42.78 6.37 -15.74
CA LYS A 223 42.73 5.60 -14.49
C LYS A 223 42.02 4.26 -14.70
N TYR A 224 42.49 3.22 -13.98
CA TYR A 224 41.90 1.88 -14.06
C TYR A 224 41.04 1.62 -12.83
N LEU A 225 39.71 1.44 -13.04
CA LEU A 225 38.77 1.18 -11.96
C LEU A 225 38.37 -0.30 -12.10
N GLU A 226 39.16 -1.17 -11.41
CA GLU A 226 39.07 -2.64 -11.47
C GLU A 226 37.82 -3.22 -10.80
N ASN A 227 37.49 -2.76 -9.58
CA ASN A 227 36.30 -3.25 -8.86
C ASN A 227 35.31 -2.11 -8.46
N PRO A 228 34.74 -1.37 -9.45
CA PRO A 228 33.81 -0.29 -9.09
C PRO A 228 32.35 -0.72 -8.90
N ARG A 229 31.58 0.12 -8.22
CA ARG A 229 30.15 -0.02 -8.03
C ARG A 229 29.48 0.99 -8.97
N HIS A 230 28.29 0.64 -9.51
CA HIS A 230 27.53 1.58 -10.35
C HIS A 230 26.63 2.35 -9.40
N VAL A 231 26.90 3.66 -9.25
CA VAL A 231 26.11 4.57 -8.41
C VAL A 231 25.67 5.71 -9.30
N GLU A 232 24.37 6.04 -9.26
CA GLU A 232 23.81 7.08 -10.12
C GLU A 232 22.94 8.07 -9.37
N ILE A 233 22.96 9.35 -9.79
CA ILE A 233 22.24 10.46 -9.15
C ILE A 233 20.99 10.87 -9.95
N GLN A 234 19.83 10.82 -9.30
CA GLN A 234 18.58 11.26 -9.91
C GLN A 234 18.49 12.78 -9.83
N VAL A 235 18.13 13.45 -10.94
CA VAL A 235 17.95 14.89 -10.92
C VAL A 235 16.59 15.33 -11.50
N LEU A 236 16.16 16.54 -11.12
CA LEU A 236 14.98 17.23 -11.64
C LEU A 236 15.36 18.69 -11.82
N ALA A 237 15.19 19.22 -13.02
CA ALA A 237 15.45 20.64 -13.32
C ALA A 237 14.28 21.19 -14.12
N ASP A 238 13.83 22.41 -13.81
CA ASP A 238 12.68 22.99 -14.52
C ASP A 238 13.04 23.70 -15.83
N GLY A 239 14.35 23.89 -16.09
CA GLY A 239 14.81 24.61 -17.27
C GLY A 239 14.58 26.12 -17.12
N GLN A 240 14.30 26.55 -15.87
CA GLN A 240 14.05 27.94 -15.46
C GLN A 240 15.11 28.41 -14.45
N GLY A 241 16.13 27.57 -14.20
CA GLY A 241 17.22 27.87 -13.28
C GLY A 241 17.27 27.06 -11.99
N ASN A 242 16.20 26.30 -11.70
CA ASN A 242 16.14 25.47 -10.48
C ASN A 242 16.48 24.02 -10.81
N ALA A 243 17.25 23.37 -9.92
CA ALA A 243 17.66 21.98 -10.08
C ALA A 243 17.88 21.31 -8.75
N ILE A 244 17.31 20.11 -8.57
CA ILE A 244 17.46 19.33 -7.33
C ILE A 244 17.98 17.92 -7.61
N TYR A 245 18.69 17.33 -6.64
CA TYR A 245 19.14 15.94 -6.67
C TYR A 245 18.25 15.16 -5.72
N LEU A 246 17.85 13.94 -6.12
CA LEU A 246 16.97 13.10 -5.33
C LEU A 246 17.71 11.82 -5.02
N ALA A 247 18.76 11.96 -4.18
CA ALA A 247 19.65 10.88 -3.74
C ALA A 247 20.24 10.08 -4.88
N GLU A 248 20.63 8.83 -4.61
CA GLU A 248 21.28 7.95 -5.55
C GLU A 248 20.67 6.57 -5.61
N ARG A 249 21.11 5.79 -6.60
CA ARG A 249 20.72 4.41 -6.76
C ARG A 249 21.96 3.58 -7.00
N ASP A 250 21.98 2.34 -6.49
CA ASP A 250 23.07 1.41 -6.77
C ASP A 250 22.50 0.40 -7.74
N CYS A 251 23.09 0.30 -8.94
CA CYS A 251 22.64 -0.60 -10.00
C CYS A 251 23.78 -1.51 -10.48
N SER A 252 24.61 -1.98 -9.53
CA SER A 252 25.79 -2.83 -9.78
C SER A 252 25.49 -4.25 -10.27
N MET A 253 24.33 -4.84 -9.89
CA MET A 253 23.97 -6.19 -10.35
C MET A 253 23.62 -6.12 -11.83
N GLN A 254 24.52 -6.61 -12.68
CA GLN A 254 24.39 -6.50 -14.14
C GLN A 254 24.79 -7.77 -14.84
N ARG A 255 24.21 -7.99 -16.04
CA ARG A 255 24.53 -9.08 -16.94
C ARG A 255 24.66 -8.43 -18.31
N ARG A 256 25.82 -8.63 -18.98
CA ARG A 256 26.12 -8.04 -20.30
C ARG A 256 25.82 -6.53 -20.32
N HIS A 257 26.23 -5.83 -19.24
CA HIS A 257 26.03 -4.38 -19.02
C HIS A 257 24.57 -3.94 -18.88
N GLN A 258 23.64 -4.90 -18.72
CA GLN A 258 22.21 -4.62 -18.49
C GLN A 258 21.89 -4.80 -17.02
N LYS A 259 21.29 -3.78 -16.39
CA LYS A 259 20.95 -3.80 -14.96
C LYS A 259 19.89 -4.86 -14.69
N VAL A 260 20.08 -5.64 -13.61
CA VAL A 260 19.17 -6.72 -13.24
C VAL A 260 18.43 -6.36 -11.93
N VAL A 261 19.17 -5.82 -10.95
CA VAL A 261 18.67 -5.36 -9.65
C VAL A 261 19.15 -3.92 -9.48
N GLU A 262 18.26 -3.06 -8.93
CA GLU A 262 18.61 -1.65 -8.60
C GLU A 262 18.12 -1.36 -7.19
N GLU A 263 18.80 -0.44 -6.48
CA GLU A 263 18.36 -0.12 -5.12
C GLU A 263 18.65 1.32 -4.76
N ALA A 264 17.88 1.87 -3.81
CA ALA A 264 18.03 3.24 -3.30
C ALA A 264 17.71 3.31 -1.81
N PRO A 265 18.55 3.99 -0.99
CA PRO A 265 19.82 4.64 -1.33
C PRO A 265 20.92 3.59 -1.60
N ALA A 266 22.11 4.02 -2.06
CA ALA A 266 23.21 3.07 -2.30
C ALA A 266 23.88 2.72 -0.96
N PRO A 267 23.99 1.41 -0.58
CA PRO A 267 24.66 1.09 0.70
C PRO A 267 26.07 1.68 0.82
N GLY A 268 26.40 2.17 2.02
CA GLY A 268 27.71 2.76 2.31
C GLY A 268 27.88 4.22 1.94
N ILE A 269 26.88 4.82 1.25
CA ILE A 269 26.93 6.23 0.87
C ILE A 269 26.47 7.07 2.07
N THR A 270 27.39 7.87 2.59
CA THR A 270 27.15 8.72 3.76
C THR A 270 26.36 9.96 3.35
N PRO A 271 25.64 10.65 4.30
CA PRO A 271 24.96 11.90 3.91
C PRO A 271 25.90 12.99 3.39
N GLU A 272 27.19 12.92 3.78
CA GLU A 272 28.23 13.85 3.33
C GLU A 272 28.56 13.58 1.86
N LEU A 273 28.74 12.29 1.48
CA LEU A 273 29.04 11.89 0.09
C LEU A 273 27.88 12.18 -0.83
N ARG A 274 26.64 11.92 -0.36
CA ARG A 274 25.38 12.17 -1.08
C ARG A 274 25.29 13.66 -1.44
N ARG A 275 25.47 14.53 -0.43
CA ARG A 275 25.43 15.99 -0.58
C ARG A 275 26.54 16.47 -1.55
N TYR A 276 27.76 15.92 -1.41
CA TYR A 276 28.91 16.27 -2.26
C TYR A 276 28.60 16.04 -3.75
N ILE A 277 28.30 14.78 -4.11
CA ILE A 277 28.01 14.39 -5.49
C ILE A 277 26.70 14.99 -6.03
N GLY A 278 25.69 15.08 -5.17
CA GLY A 278 24.39 15.63 -5.53
C GLY A 278 24.43 17.10 -5.93
N GLU A 279 25.16 17.90 -5.14
CA GLU A 279 25.33 19.33 -5.40
C GLU A 279 26.08 19.58 -6.70
N ARG A 280 27.08 18.75 -7.02
CA ARG A 280 27.82 18.86 -8.28
C ARG A 280 26.91 18.52 -9.46
N CYS A 281 26.00 17.54 -9.26
CA CYS A 281 25.03 17.16 -10.31
C CYS A 281 23.99 18.26 -10.54
N ALA A 282 23.49 18.89 -9.46
CA ALA A 282 22.51 19.98 -9.55
C ALA A 282 23.13 21.21 -10.24
N LYS A 283 24.41 21.52 -9.92
CA LYS A 283 25.15 22.64 -10.52
C LYS A 283 25.33 22.38 -12.01
N ALA A 284 25.67 21.11 -12.39
CA ALA A 284 25.82 20.68 -13.78
C ALA A 284 24.53 20.86 -14.56
N CYS A 285 23.35 20.60 -13.94
CA CYS A 285 22.04 20.79 -14.59
C CYS A 285 21.86 22.26 -14.98
N VAL A 286 22.14 23.17 -14.04
CA VAL A 286 22.04 24.63 -14.23
C VAL A 286 23.00 25.06 -15.34
N ASP A 287 24.28 24.63 -15.26
CA ASP A 287 25.33 24.95 -16.23
C ASP A 287 25.05 24.49 -17.64
N ILE A 288 24.31 23.36 -17.83
CA ILE A 288 23.99 22.86 -19.17
C ILE A 288 22.55 23.22 -19.60
N GLY A 289 21.83 23.98 -18.76
CA GLY A 289 20.45 24.39 -18.99
C GLY A 289 19.48 23.22 -19.08
N TYR A 290 19.76 22.13 -18.34
CA TYR A 290 18.95 20.91 -18.31
C TYR A 290 17.48 21.17 -17.94
N ARG A 291 16.57 20.45 -18.60
CA ARG A 291 15.14 20.58 -18.36
C ARG A 291 14.52 19.18 -18.23
N GLY A 292 13.85 18.93 -17.12
CA GLY A 292 13.16 17.68 -16.85
C GLY A 292 13.92 16.74 -15.95
N ALA A 293 13.59 15.43 -16.04
CA ALA A 293 14.22 14.37 -15.27
C ALA A 293 15.45 13.92 -16.02
N GLY A 294 16.48 13.54 -15.28
CA GLY A 294 17.72 13.02 -15.83
C GLY A 294 18.49 12.21 -14.81
N THR A 295 19.50 11.49 -15.26
CA THR A 295 20.33 10.69 -14.35
C THR A 295 21.78 10.79 -14.72
N PHE A 296 22.62 11.07 -13.72
CA PHE A 296 24.07 11.10 -13.85
C PHE A 296 24.59 9.78 -13.33
N GLU A 297 25.14 8.96 -14.24
CA GLU A 297 25.69 7.65 -13.89
C GLU A 297 27.19 7.73 -13.64
N PHE A 298 27.64 7.14 -12.53
CA PHE A 298 29.04 7.14 -12.12
C PHE A 298 29.52 5.74 -11.80
N LEU A 299 30.85 5.57 -11.79
CA LEU A 299 31.51 4.37 -11.26
C LEU A 299 32.03 4.83 -9.90
N PHE A 300 31.78 4.04 -8.87
CA PHE A 300 32.17 4.41 -7.51
C PHE A 300 33.13 3.39 -6.95
N GLU A 301 34.33 3.86 -6.61
CA GLU A 301 35.43 3.06 -6.08
C GLU A 301 36.27 3.89 -5.11
N ASN A 302 36.64 3.28 -3.96
CA ASN A 302 37.46 3.88 -2.89
C ASN A 302 36.99 5.28 -2.47
N GLY A 303 35.69 5.41 -2.20
CA GLY A 303 35.05 6.65 -1.77
C GLY A 303 35.03 7.79 -2.78
N GLU A 304 35.33 7.49 -4.05
CA GLU A 304 35.35 8.47 -5.14
C GLU A 304 34.42 8.13 -6.30
N PHE A 305 33.78 9.17 -6.88
CA PHE A 305 32.88 9.10 -8.03
C PHE A 305 33.58 9.45 -9.36
N TYR A 306 33.23 8.73 -10.42
CA TYR A 306 33.82 8.93 -11.75
C TYR A 306 32.69 8.90 -12.76
N PHE A 307 32.36 10.07 -13.34
CA PHE A 307 31.30 10.23 -14.32
C PHE A 307 31.51 9.39 -15.56
N ILE A 308 30.46 8.66 -15.96
CA ILE A 308 30.46 7.83 -17.17
C ILE A 308 29.56 8.48 -18.21
N GLU A 309 28.27 8.69 -17.87
CA GLU A 309 27.31 9.30 -18.78
C GLU A 309 26.04 9.80 -18.10
N MET A 310 25.30 10.63 -18.84
CA MET A 310 24.02 11.16 -18.39
C MET A 310 22.89 10.67 -19.28
N ASN A 311 21.87 10.02 -18.65
CA ASN A 311 20.66 9.61 -19.35
C ASN A 311 19.75 10.84 -19.32
N THR A 312 19.47 11.42 -20.49
CA THR A 312 18.69 12.65 -20.66
C THR A 312 17.21 12.30 -20.85
N ARG A 313 16.65 11.56 -19.87
CA ARG A 313 15.29 11.03 -19.88
C ARG A 313 15.01 10.41 -18.53
N ILE A 314 13.77 9.93 -18.33
CA ILE A 314 13.40 9.18 -17.13
C ILE A 314 14.20 7.87 -17.15
N GLN A 315 14.52 7.37 -15.96
CA GLN A 315 15.26 6.14 -15.75
C GLN A 315 14.28 4.99 -15.62
N VAL A 316 14.66 3.79 -16.11
CA VAL A 316 13.86 2.56 -15.98
C VAL A 316 13.53 2.33 -14.49
N GLU A 317 14.59 2.37 -13.65
CA GLU A 317 14.59 2.16 -12.22
C GLU A 317 14.19 3.38 -11.38
N HIS A 318 13.55 4.38 -12.00
CA HIS A 318 13.05 5.54 -11.27
C HIS A 318 12.15 5.17 -10.04
N PRO A 319 11.33 4.08 -10.02
CA PRO A 319 10.52 3.80 -8.83
C PRO A 319 11.24 3.64 -7.48
N VAL A 320 12.49 3.11 -7.45
CA VAL A 320 13.20 2.97 -6.16
C VAL A 320 13.44 4.34 -5.48
N THR A 321 13.70 5.40 -6.30
CA THR A 321 13.91 6.78 -5.84
C THR A 321 12.59 7.35 -5.36
N GLU A 322 11.51 7.05 -6.09
CA GLU A 322 10.17 7.50 -5.74
C GLU A 322 9.76 6.96 -4.35
N MET A 323 10.05 5.67 -4.07
CA MET A 323 9.70 5.02 -2.79
C MET A 323 10.36 5.70 -1.57
N ILE A 324 11.67 6.00 -1.69
CA ILE A 324 12.50 6.60 -0.63
C ILE A 324 12.38 8.12 -0.44
N THR A 325 11.84 8.84 -1.45
CA THR A 325 11.69 10.31 -1.37
C THR A 325 10.24 10.76 -1.29
N GLY A 326 9.34 9.95 -1.83
CA GLY A 326 7.91 10.26 -1.91
C GLY A 326 7.59 11.10 -3.13
N VAL A 327 8.62 11.41 -3.96
CA VAL A 327 8.45 12.24 -5.16
C VAL A 327 7.97 11.39 -6.34
N ASP A 328 6.86 11.79 -6.98
CA ASP A 328 6.34 11.09 -8.15
C ASP A 328 7.09 11.73 -9.32
N LEU A 329 8.15 11.05 -9.80
CA LEU A 329 9.05 11.56 -10.85
C LEU A 329 8.39 11.83 -12.21
N ILE A 330 7.39 11.02 -12.59
CA ILE A 330 6.65 11.21 -13.86
C ILE A 330 5.74 12.45 -13.76
N LYS A 331 5.01 12.61 -12.64
CA LYS A 331 4.18 13.82 -12.45
C LYS A 331 5.03 15.10 -12.46
N GLU A 332 6.29 15.02 -11.95
CA GLU A 332 7.21 16.17 -11.96
C GLU A 332 7.63 16.48 -13.39
N GLN A 333 7.83 15.46 -14.22
CA GLN A 333 8.15 15.62 -15.65
C GLN A 333 7.03 16.39 -16.32
N LEU A 334 5.79 15.99 -16.00
CA LEU A 334 4.58 16.58 -16.54
C LEU A 334 4.38 18.02 -16.11
N ARG A 335 4.66 18.34 -14.84
CA ARG A 335 4.54 19.71 -14.30
C ARG A 335 5.56 20.65 -14.94
N ILE A 336 6.82 20.19 -15.05
CA ILE A 336 7.93 20.92 -15.69
C ILE A 336 7.58 21.23 -17.14
N ALA A 337 7.13 20.22 -17.89
CA ALA A 337 6.76 20.34 -19.30
C ALA A 337 5.64 21.36 -19.51
N ALA A 338 4.73 21.47 -18.53
CA ALA A 338 3.62 22.43 -18.54
C ALA A 338 4.11 23.87 -18.25
N GLY A 339 5.42 24.02 -18.00
CA GLY A 339 6.03 25.31 -17.72
C GLY A 339 5.99 25.75 -16.27
N GLN A 340 5.72 24.81 -15.36
CA GLN A 340 5.68 25.09 -13.92
C GLN A 340 7.08 24.99 -13.35
N PRO A 341 7.51 25.96 -12.52
CA PRO A 341 8.84 25.83 -11.90
C PRO A 341 8.80 24.75 -10.82
N LEU A 342 9.96 24.20 -10.43
CA LEU A 342 10.03 23.19 -9.37
C LEU A 342 9.45 23.77 -8.10
N SER A 343 8.51 23.06 -7.45
CA SER A 343 7.93 23.52 -6.18
C SER A 343 8.74 22.90 -5.05
N ILE A 344 9.36 21.71 -5.33
CA ILE A 344 10.18 20.97 -4.37
C ILE A 344 11.55 21.64 -4.26
N LYS A 345 11.91 22.04 -3.02
CA LYS A 345 13.22 22.64 -2.72
C LYS A 345 14.16 21.52 -2.28
N GLN A 346 15.49 21.72 -2.42
CA GLN A 346 16.48 20.73 -2.01
C GLN A 346 16.29 20.24 -0.57
N GLU A 347 16.01 21.17 0.37
CA GLU A 347 15.80 20.86 1.79
C GLU A 347 14.51 20.05 2.06
N GLU A 348 13.60 19.97 1.07
CA GLU A 348 12.35 19.19 1.14
C GLU A 348 12.58 17.76 0.64
N VAL A 349 13.78 17.47 0.10
CA VAL A 349 14.13 16.14 -0.41
C VAL A 349 14.74 15.35 0.75
N HIS A 350 14.01 14.34 1.25
CA HIS A 350 14.46 13.51 2.36
C HIS A 350 14.51 12.04 1.96
N VAL A 351 15.62 11.35 2.32
CA VAL A 351 15.81 9.91 2.12
C VAL A 351 15.18 9.22 3.33
N ARG A 352 14.20 8.35 3.09
CA ARG A 352 13.53 7.58 4.14
C ARG A 352 13.39 6.13 3.69
N GLY A 353 13.81 5.21 4.55
CA GLY A 353 13.74 3.78 4.28
C GLY A 353 14.67 3.34 3.18
N HIS A 354 14.35 2.20 2.55
CA HIS A 354 15.16 1.62 1.50
C HIS A 354 14.27 0.89 0.50
N ALA A 355 14.62 0.92 -0.79
CA ALA A 355 13.84 0.24 -1.81
C ALA A 355 14.70 -0.58 -2.75
N VAL A 356 14.20 -1.76 -3.14
CA VAL A 356 14.92 -2.63 -4.08
C VAL A 356 14.01 -2.93 -5.29
N GLU A 357 14.57 -2.92 -6.52
CA GLU A 357 13.82 -3.27 -7.72
C GLU A 357 14.42 -4.50 -8.38
N CYS A 358 13.57 -5.47 -8.72
CA CYS A 358 13.96 -6.63 -9.51
C CYS A 358 13.29 -6.47 -10.87
N ARG A 359 14.10 -6.38 -11.95
CA ARG A 359 13.54 -6.32 -13.31
C ARG A 359 13.03 -7.71 -13.65
N ILE A 360 11.81 -7.80 -14.20
CA ILE A 360 11.23 -9.09 -14.59
C ILE A 360 11.29 -9.19 -16.10
N ASN A 361 12.02 -10.18 -16.61
CA ASN A 361 12.25 -10.37 -18.03
C ASN A 361 11.69 -11.66 -18.54
N ALA A 362 11.08 -11.62 -19.74
CA ALA A 362 10.55 -12.79 -20.43
C ALA A 362 11.76 -13.38 -21.20
N GLU A 363 12.60 -14.13 -20.48
CA GLU A 363 13.81 -14.75 -21.02
C GLU A 363 14.16 -15.96 -20.15
N ASP A 364 15.01 -16.87 -20.64
CA ASP A 364 15.39 -18.03 -19.85
C ASP A 364 16.31 -17.61 -18.67
N PRO A 365 16.04 -18.10 -17.43
CA PRO A 365 16.87 -17.68 -16.29
C PRO A 365 18.30 -18.23 -16.28
N ASN A 366 18.70 -19.04 -17.30
CA ASN A 366 20.03 -19.65 -17.41
C ASN A 366 20.76 -19.31 -18.72
N THR A 367 20.07 -19.41 -19.89
CA THR A 367 20.68 -19.15 -21.21
C THR A 367 20.39 -17.74 -21.70
N PHE A 368 19.33 -17.13 -21.13
CA PHE A 368 18.88 -15.79 -21.47
C PHE A 368 18.41 -15.64 -22.92
N LEU A 369 17.78 -16.72 -23.42
CA LEU A 369 17.15 -16.80 -24.72
C LEU A 369 15.78 -16.11 -24.52
N PRO A 370 15.45 -15.05 -25.32
CA PRO A 370 14.16 -14.38 -25.13
C PRO A 370 12.99 -15.36 -25.18
N SER A 371 11.99 -15.11 -24.33
CA SER A 371 10.83 -15.96 -24.24
C SER A 371 9.53 -15.22 -24.52
N PRO A 372 9.29 -14.73 -25.77
CA PRO A 372 7.97 -14.14 -26.06
C PRO A 372 6.92 -15.25 -26.05
N GLY A 373 5.65 -14.87 -25.94
CA GLY A 373 4.58 -15.85 -25.92
C GLY A 373 3.42 -15.49 -25.02
N LYS A 374 2.38 -16.32 -25.07
CA LYS A 374 1.16 -16.13 -24.29
C LYS A 374 1.37 -16.50 -22.81
N ILE A 375 1.00 -15.59 -21.90
CA ILE A 375 1.02 -15.81 -20.46
C ILE A 375 -0.30 -16.53 -20.16
N THR A 376 -0.23 -17.82 -19.79
CA THR A 376 -1.41 -18.66 -19.56
C THR A 376 -2.01 -18.48 -18.17
N ARG A 377 -1.18 -18.06 -17.21
CA ARG A 377 -1.59 -17.81 -15.83
C ARG A 377 -0.72 -16.69 -15.26
N PHE A 378 -1.38 -15.71 -14.63
CA PHE A 378 -0.69 -14.56 -14.04
C PHE A 378 -1.25 -14.20 -12.67
N HIS A 379 -0.35 -13.98 -11.71
CA HIS A 379 -0.70 -13.53 -10.36
C HIS A 379 0.38 -12.60 -9.83
N ALA A 380 -0.02 -11.37 -9.47
CA ALA A 380 0.90 -10.36 -8.97
C ALA A 380 1.04 -10.45 -7.46
N PRO A 381 2.24 -10.18 -6.91
CA PRO A 381 2.37 -10.18 -5.44
C PRO A 381 1.65 -8.97 -4.82
N GLY A 382 1.34 -9.03 -3.53
CA GLY A 382 0.71 -7.94 -2.80
C GLY A 382 1.37 -7.68 -1.46
N GLY A 383 0.76 -6.79 -0.66
CA GLY A 383 1.27 -6.46 0.67
C GLY A 383 1.86 -5.09 0.87
N PHE A 384 2.26 -4.81 2.14
CA PHE A 384 2.86 -3.55 2.57
C PHE A 384 4.25 -3.38 1.96
N GLY A 385 4.48 -2.23 1.32
CA GLY A 385 5.75 -1.92 0.69
C GLY A 385 5.99 -2.65 -0.63
N VAL A 386 4.98 -3.32 -1.18
CA VAL A 386 5.10 -4.06 -2.45
C VAL A 386 4.51 -3.22 -3.59
N ARG A 387 5.33 -2.94 -4.61
CA ARG A 387 4.91 -2.14 -5.77
C ARG A 387 5.16 -2.95 -7.03
N TRP A 388 4.09 -3.19 -7.81
CA TRP A 388 4.16 -3.96 -9.04
C TRP A 388 3.93 -3.06 -10.27
N GLU A 389 4.95 -2.94 -11.12
CA GLU A 389 4.94 -2.10 -12.33
C GLU A 389 4.98 -2.97 -13.58
N SER A 390 3.82 -3.29 -14.13
CA SER A 390 3.74 -4.14 -15.31
C SER A 390 2.40 -4.04 -15.99
N HIS A 391 2.43 -4.11 -17.34
CA HIS A 391 1.29 -4.13 -18.23
C HIS A 391 0.76 -5.57 -18.43
N ILE A 392 1.52 -6.61 -17.99
CA ILE A 392 1.11 -8.01 -18.19
C ILE A 392 -0.15 -8.41 -17.43
N TYR A 393 -0.88 -9.36 -18.01
CA TYR A 393 -2.13 -9.92 -17.49
C TYR A 393 -2.32 -11.33 -18.04
N ALA A 394 -3.17 -12.15 -17.39
CA ALA A 394 -3.42 -13.53 -17.85
C ALA A 394 -4.05 -13.50 -19.25
N GLY A 395 -3.48 -14.27 -20.18
CA GLY A 395 -3.97 -14.34 -21.55
C GLY A 395 -3.28 -13.39 -22.50
N TYR A 396 -2.50 -12.42 -21.96
CA TYR A 396 -1.73 -11.46 -22.75
C TYR A 396 -0.51 -12.16 -23.38
N THR A 397 -0.26 -11.87 -24.67
CA THR A 397 0.90 -12.43 -25.39
C THR A 397 2.03 -11.40 -25.38
N VAL A 398 3.22 -11.81 -24.94
CA VAL A 398 4.42 -11.00 -24.97
C VAL A 398 4.93 -11.10 -26.43
N PRO A 399 4.89 -10.01 -27.21
CA PRO A 399 5.30 -10.10 -28.62
C PRO A 399 6.80 -10.35 -28.83
N PRO A 400 7.16 -11.03 -29.95
CA PRO A 400 8.60 -11.30 -30.20
C PRO A 400 9.38 -10.11 -30.73
N TYR A 401 8.68 -9.03 -31.11
CA TYR A 401 9.27 -7.85 -31.76
C TYR A 401 10.04 -6.88 -30.88
N TYR A 402 9.79 -6.92 -29.58
CA TYR A 402 10.40 -5.95 -28.66
C TYR A 402 11.32 -6.55 -27.62
N ASP A 403 11.83 -5.71 -26.72
CA ASP A 403 12.76 -6.15 -25.65
C ASP A 403 12.06 -7.13 -24.68
N SER A 404 12.84 -7.79 -23.81
CA SER A 404 12.29 -8.79 -22.91
C SER A 404 11.78 -8.31 -21.56
N MET A 405 11.98 -7.03 -21.20
CA MET A 405 11.53 -6.54 -19.90
C MET A 405 10.02 -6.37 -19.87
N ILE A 406 9.34 -7.22 -19.06
CA ILE A 406 7.88 -7.26 -18.93
C ILE A 406 7.32 -6.61 -17.69
N GLY A 407 8.16 -6.43 -16.68
CA GLY A 407 7.72 -5.80 -15.44
C GLY A 407 8.83 -5.46 -14.48
N LYS A 408 8.48 -4.71 -13.44
CA LYS A 408 9.43 -4.37 -12.39
C LYS A 408 8.77 -4.57 -11.05
N LEU A 409 9.42 -5.35 -10.17
CA LEU A 409 8.91 -5.61 -8.84
C LEU A 409 9.70 -4.75 -7.87
N ILE A 410 9.03 -3.83 -7.17
CA ILE A 410 9.71 -2.90 -6.28
C ILE A 410 9.23 -3.06 -4.85
N CYS A 411 10.16 -3.36 -3.92
CA CYS A 411 9.79 -3.50 -2.51
C CYS A 411 10.51 -2.49 -1.67
N TYR A 412 9.76 -1.84 -0.78
CA TYR A 412 10.26 -0.83 0.14
C TYR A 412 10.14 -1.34 1.58
N GLY A 413 11.01 -0.84 2.44
CA GLY A 413 11.03 -1.11 3.87
C GLY A 413 11.70 0.05 4.61
N GLU A 414 11.52 0.11 5.93
CA GLU A 414 12.13 1.15 6.78
C GLU A 414 13.66 1.01 6.79
N ASN A 415 14.16 -0.14 6.35
CA ASN A 415 15.58 -0.44 6.20
C ASN A 415 15.80 -1.45 5.05
N ARG A 416 17.07 -1.61 4.63
CA ARG A 416 17.45 -2.50 3.53
C ARG A 416 17.02 -3.94 3.75
N ASP A 417 17.23 -4.47 4.96
CA ASP A 417 16.84 -5.84 5.32
C ASP A 417 15.36 -6.11 5.16
N VAL A 418 14.49 -5.14 5.57
CA VAL A 418 13.04 -5.27 5.43
C VAL A 418 12.65 -5.29 3.93
N ALA A 419 13.28 -4.42 3.11
CA ALA A 419 13.02 -4.35 1.66
C ALA A 419 13.40 -5.68 0.99
N ILE A 420 14.56 -6.26 1.36
CA ILE A 420 15.01 -7.55 0.81
C ILE A 420 14.05 -8.67 1.25
N ALA A 421 13.69 -8.72 2.56
CA ALA A 421 12.75 -9.71 3.09
C ALA A 421 11.41 -9.64 2.36
N ARG A 422 10.92 -8.42 2.08
CA ARG A 422 9.68 -8.22 1.36
C ARG A 422 9.79 -8.67 -0.10
N MET A 423 10.97 -8.45 -0.73
CA MET A 423 11.20 -8.89 -2.10
C MET A 423 11.14 -10.43 -2.20
N LYS A 424 11.75 -11.15 -1.23
CA LYS A 424 11.73 -12.62 -1.17
C LYS A 424 10.31 -13.14 -1.13
N ASN A 425 9.48 -12.51 -0.30
CA ASN A 425 8.07 -12.88 -0.14
C ASN A 425 7.28 -12.59 -1.42
N ALA A 426 7.52 -11.41 -2.02
CA ALA A 426 6.84 -10.98 -3.24
C ALA A 426 7.21 -11.87 -4.44
N LEU A 427 8.51 -12.24 -4.58
CA LEU A 427 8.97 -13.11 -5.67
C LEU A 427 8.33 -14.51 -5.63
N GLN A 428 7.99 -15.00 -4.42
CA GLN A 428 7.33 -16.30 -4.20
C GLN A 428 5.86 -16.25 -4.62
N GLU A 429 5.23 -15.07 -4.58
CA GLU A 429 3.80 -14.91 -4.94
C GLU A 429 3.61 -14.68 -6.42
N LEU A 430 4.65 -14.17 -7.08
CA LEU A 430 4.62 -13.84 -8.49
C LEU A 430 4.50 -15.06 -9.39
N ILE A 431 3.38 -15.17 -10.10
CA ILE A 431 3.12 -16.27 -11.03
C ILE A 431 3.05 -15.74 -12.46
N ILE A 432 3.93 -16.25 -13.33
CA ILE A 432 3.97 -15.97 -14.77
C ILE A 432 4.22 -17.31 -15.45
N ASP A 433 3.15 -17.94 -15.96
CA ASP A 433 3.26 -19.23 -16.66
C ASP A 433 3.05 -19.09 -18.16
N GLY A 434 3.60 -20.04 -18.91
CA GLY A 434 3.48 -20.08 -20.36
C GLY A 434 4.70 -19.54 -21.07
N ILE A 435 5.53 -18.79 -20.34
CA ILE A 435 6.78 -18.23 -20.85
C ILE A 435 7.86 -18.42 -19.80
N LYS A 436 9.13 -18.39 -20.23
CA LYS A 436 10.28 -18.46 -19.32
C LYS A 436 10.53 -17.05 -18.77
N THR A 437 10.88 -16.94 -17.47
CA THR A 437 11.20 -15.66 -16.84
C THR A 437 12.47 -15.77 -16.04
N ASN A 438 13.00 -14.63 -15.59
CA ASN A 438 14.19 -14.57 -14.73
C ASN A 438 13.80 -14.55 -13.22
N VAL A 439 12.53 -14.87 -12.88
CA VAL A 439 12.02 -14.89 -11.49
C VAL A 439 12.95 -15.74 -10.59
N ASP A 440 13.30 -16.95 -11.04
CA ASP A 440 14.19 -17.87 -10.32
C ASP A 440 15.60 -17.28 -10.13
N LEU A 441 16.11 -16.51 -11.12
CA LEU A 441 17.39 -15.83 -10.98
C LEU A 441 17.29 -14.74 -9.87
N GLN A 442 16.19 -13.95 -9.86
CA GLN A 442 15.94 -12.90 -8.86
C GLN A 442 15.89 -13.45 -7.45
N ILE A 443 15.25 -14.63 -7.26
CA ILE A 443 15.19 -15.34 -5.97
C ILE A 443 16.64 -15.67 -5.50
N ARG A 444 17.50 -16.16 -6.39
CA ARG A 444 18.91 -16.47 -6.07
C ARG A 444 19.66 -15.21 -5.66
N ILE A 445 19.49 -14.11 -6.42
CA ILE A 445 20.14 -12.83 -6.11
C ILE A 445 19.73 -12.33 -4.73
N MET A 446 18.43 -12.39 -4.39
CA MET A 446 17.96 -11.95 -3.05
C MET A 446 18.53 -12.82 -1.94
N ASN A 447 18.71 -14.13 -2.21
CA ASN A 447 19.29 -15.10 -1.26
C ASN A 447 20.84 -15.10 -1.25
N ASP A 448 21.47 -14.26 -2.09
CA ASP A 448 22.93 -14.19 -2.14
C ASP A 448 23.46 -13.45 -0.91
N GLU A 449 24.37 -14.10 -0.14
CA GLU A 449 24.95 -13.55 1.10
C GLU A 449 25.75 -12.26 0.89
N ASN A 450 26.40 -12.13 -0.27
CA ASN A 450 27.15 -10.91 -0.59
C ASN A 450 26.20 -9.77 -0.90
N PHE A 451 25.10 -10.05 -1.66
CA PHE A 451 24.05 -9.06 -1.94
C PHE A 451 23.42 -8.62 -0.59
N GLN A 452 23.06 -9.60 0.27
CA GLN A 452 22.49 -9.33 1.60
C GLN A 452 23.41 -8.42 2.43
N HIS A 453 24.73 -8.61 2.34
CA HIS A 453 25.72 -7.76 3.01
C HIS A 453 25.71 -6.37 2.34
N GLY A 454 25.67 -6.35 1.01
CA GLY A 454 25.66 -5.12 0.22
C GLY A 454 27.01 -4.69 -0.30
N GLY A 455 26.99 -3.76 -1.25
CA GLY A 455 28.21 -3.20 -1.83
C GLY A 455 28.95 -4.07 -2.83
N THR A 456 28.28 -5.09 -3.42
CA THR A 456 28.88 -5.94 -4.47
C THR A 456 29.17 -5.06 -5.69
N ASN A 457 30.28 -5.33 -6.36
CA ASN A 457 30.70 -4.52 -7.51
C ASN A 457 29.98 -4.89 -8.81
N ILE A 458 30.27 -4.15 -9.90
CA ILE A 458 29.66 -4.32 -11.24
C ILE A 458 29.94 -5.66 -11.93
N HIS A 459 30.96 -6.41 -11.45
CA HIS A 459 31.37 -7.69 -12.04
C HIS A 459 30.78 -8.87 -11.30
N TYR A 460 30.22 -8.61 -10.10
CA TYR A 460 29.70 -9.65 -9.22
C TYR A 460 28.75 -10.69 -9.81
N LEU A 461 27.62 -10.23 -10.39
CA LEU A 461 26.60 -11.13 -10.94
C LEU A 461 27.17 -12.16 -11.92
N GLU A 462 28.00 -11.71 -12.87
CA GLU A 462 28.63 -12.58 -13.85
C GLU A 462 29.61 -13.57 -13.24
N LYS A 463 30.31 -13.19 -12.18
CA LYS A 463 31.22 -14.08 -11.44
C LYS A 463 30.39 -15.17 -10.76
N LYS A 464 29.24 -14.80 -10.15
CA LYS A 464 28.31 -15.72 -9.48
C LYS A 464 27.75 -16.74 -10.48
N LEU A 465 27.35 -16.28 -11.66
CA LEU A 465 26.76 -17.13 -12.70
C LEU A 465 27.78 -17.85 -13.59
N GLY A 466 29.04 -17.40 -13.56
CA GLY A 466 30.14 -17.96 -14.36
C GLY A 466 30.19 -17.46 -15.79
N LEU A 467 29.59 -16.27 -16.06
CA LEU A 467 29.53 -15.64 -17.39
C LEU A 467 30.75 -14.76 -17.69
N GLN A 468 31.24 -14.83 -18.95
CA GLN A 468 32.38 -14.04 -19.43
C GLN A 468 31.89 -12.69 -19.97
N GLU A 469 32.54 -11.58 -19.54
CA GLU A 469 32.20 -10.21 -19.93
C GLU A 469 32.40 -9.92 -21.43
N LYS A 470 31.46 -9.18 -22.01
CA LYS A 470 31.46 -8.81 -23.42
C LYS A 470 30.41 -7.78 -23.77
N ARG B 20 17.74 -10.73 18.94
CA ARG B 20 16.55 -10.76 19.80
C ARG B 20 15.73 -12.04 19.57
N HIS B 21 15.07 -12.56 20.62
CA HIS B 21 14.24 -13.76 20.53
C HIS B 21 12.92 -13.49 19.75
N MET B 22 12.55 -14.45 18.88
CA MET B 22 11.33 -14.39 18.09
C MET B 22 10.57 -15.72 18.20
N LEU B 23 9.22 -15.66 18.09
CA LEU B 23 8.34 -16.84 18.11
C LEU B 23 8.77 -17.76 16.96
N ASP B 24 8.99 -19.04 17.27
CA ASP B 24 9.45 -20.00 16.26
C ASP B 24 8.41 -20.28 15.19
N LYS B 25 7.18 -20.59 15.64
CA LYS B 25 6.07 -21.04 14.81
C LYS B 25 4.75 -20.58 15.39
N ILE B 26 3.81 -20.13 14.53
CA ILE B 26 2.51 -19.69 15.02
C ILE B 26 1.37 -20.30 14.21
N VAL B 27 0.17 -20.37 14.80
CA VAL B 27 -1.04 -20.79 14.14
C VAL B 27 -1.76 -19.51 13.73
N ILE B 28 -2.17 -19.43 12.45
CA ILE B 28 -2.96 -18.28 12.00
C ILE B 28 -4.44 -18.67 12.17
N ALA B 29 -5.05 -18.29 13.30
CA ALA B 29 -6.44 -18.68 13.58
C ALA B 29 -7.44 -17.78 12.88
N ASN B 30 -7.35 -17.75 11.54
CA ASN B 30 -8.24 -16.96 10.69
C ASN B 30 -8.19 -17.44 9.25
N ARG B 31 -8.84 -16.69 8.36
CA ARG B 31 -8.97 -17.00 6.94
C ARG B 31 -8.90 -15.74 6.06
N GLY B 32 -8.99 -15.92 4.74
CA GLY B 32 -9.05 -14.84 3.78
C GLY B 32 -7.89 -13.85 3.79
N GLU B 33 -8.22 -12.57 3.59
CA GLU B 33 -7.22 -11.51 3.48
C GLU B 33 -6.37 -11.31 4.73
N ILE B 34 -7.00 -11.31 5.93
CA ILE B 34 -6.27 -11.13 7.17
C ILE B 34 -5.28 -12.25 7.45
N ALA B 35 -5.65 -13.50 7.08
CA ALA B 35 -4.76 -14.65 7.24
C ALA B 35 -3.53 -14.51 6.33
N LEU B 36 -3.74 -14.00 5.10
CA LEU B 36 -2.66 -13.73 4.16
C LEU B 36 -1.81 -12.56 4.66
N ARG B 37 -2.45 -11.51 5.23
CA ARG B 37 -1.76 -10.35 5.83
C ARG B 37 -0.82 -10.84 6.95
N ILE B 38 -1.31 -11.76 7.83
CA ILE B 38 -0.53 -12.31 8.93
C ILE B 38 0.61 -13.21 8.41
N LEU B 39 0.33 -14.08 7.43
CA LEU B 39 1.36 -14.94 6.84
C LEU B 39 2.55 -14.12 6.30
N ARG B 40 2.30 -12.98 5.59
CA ARG B 40 3.39 -12.14 5.07
C ARG B 40 4.26 -11.58 6.19
N ALA B 41 3.63 -11.04 7.25
CA ALA B 41 4.36 -10.50 8.41
C ALA B 41 5.23 -11.57 9.06
N CYS B 42 4.70 -12.81 9.19
CA CYS B 42 5.40 -13.97 9.75
C CYS B 42 6.67 -14.27 8.95
N LYS B 43 6.52 -14.38 7.63
CA LYS B 43 7.63 -14.68 6.71
C LYS B 43 8.73 -13.61 6.78
N GLU B 44 8.36 -12.33 6.88
CA GLU B 44 9.34 -11.24 6.99
C GLU B 44 10.16 -11.37 8.29
N LEU B 45 9.55 -11.93 9.36
CA LEU B 45 10.20 -12.10 10.66
C LEU B 45 10.82 -13.50 10.86
N GLY B 46 10.72 -14.35 9.84
CA GLY B 46 11.23 -15.72 9.86
C GLY B 46 10.44 -16.64 10.76
N ILE B 47 9.16 -16.35 10.95
CA ILE B 47 8.28 -17.18 11.79
C ILE B 47 7.63 -18.26 10.92
N LYS B 48 7.73 -19.53 11.32
CA LYS B 48 7.09 -20.67 10.63
C LYS B 48 5.57 -20.52 10.81
N THR B 49 4.81 -20.84 9.76
CA THR B 49 3.36 -20.65 9.77
C THR B 49 2.59 -21.95 9.75
N VAL B 50 1.48 -21.96 10.50
CA VAL B 50 0.53 -23.07 10.52
C VAL B 50 -0.80 -22.45 10.09
N ALA B 51 -1.29 -22.84 8.91
CA ALA B 51 -2.56 -22.38 8.44
C ALA B 51 -3.63 -23.40 8.80
N VAL B 52 -4.50 -23.05 9.75
CA VAL B 52 -5.63 -23.89 10.13
C VAL B 52 -6.78 -23.46 9.23
N HIS B 53 -7.51 -24.43 8.66
CA HIS B 53 -8.57 -24.09 7.72
C HIS B 53 -9.75 -25.04 7.77
N SER B 54 -10.91 -24.56 7.28
CA SER B 54 -12.09 -25.39 7.11
C SER B 54 -11.90 -26.18 5.78
N SER B 55 -12.67 -27.24 5.58
CA SER B 55 -12.60 -28.07 4.37
C SER B 55 -12.97 -27.25 3.11
N ALA B 56 -13.75 -26.17 3.29
CA ALA B 56 -14.15 -25.24 2.23
C ALA B 56 -13.04 -24.23 1.88
N ASP B 57 -11.96 -24.20 2.67
CA ASP B 57 -10.88 -23.23 2.52
C ASP B 57 -9.51 -23.80 2.18
N ARG B 58 -9.46 -25.02 1.64
CA ARG B 58 -8.18 -25.69 1.28
C ARG B 58 -7.42 -24.91 0.19
N ASP B 59 -8.16 -24.18 -0.67
CA ASP B 59 -7.55 -23.41 -1.77
C ASP B 59 -7.29 -21.94 -1.46
N LEU B 60 -7.31 -21.55 -0.18
CA LEU B 60 -7.03 -20.16 0.20
C LEU B 60 -5.58 -19.88 -0.13
N LYS B 61 -5.29 -18.69 -0.68
CA LYS B 61 -3.92 -18.29 -1.03
C LYS B 61 -2.93 -18.50 0.15
N HIS B 62 -3.26 -17.99 1.37
CA HIS B 62 -2.34 -18.19 2.52
C HIS B 62 -2.15 -19.67 2.90
N VAL B 63 -3.20 -20.53 2.69
CA VAL B 63 -3.11 -21.97 2.98
C VAL B 63 -2.05 -22.58 2.02
N LEU B 64 -2.09 -22.17 0.74
CA LEU B 64 -1.17 -22.61 -0.30
C LEU B 64 0.27 -22.09 -0.09
N LEU B 65 0.45 -20.99 0.66
CA LEU B 65 1.77 -20.43 0.93
C LEU B 65 2.31 -20.83 2.32
N ALA B 66 1.47 -21.40 3.19
CA ALA B 66 1.87 -21.76 4.56
C ALA B 66 2.89 -22.89 4.65
N ASP B 67 3.71 -22.90 5.72
CA ASP B 67 4.71 -23.94 5.96
C ASP B 67 4.04 -25.27 6.30
N GLU B 68 2.94 -25.22 7.10
CA GLU B 68 2.16 -26.40 7.51
C GLU B 68 0.70 -26.03 7.47
N THR B 69 -0.16 -27.02 7.18
CA THR B 69 -1.61 -26.80 7.14
C THR B 69 -2.30 -27.90 7.95
N VAL B 70 -3.40 -27.54 8.60
CA VAL B 70 -4.23 -28.46 9.38
C VAL B 70 -5.68 -28.13 9.03
N CYS B 71 -6.43 -29.14 8.57
CA CYS B 71 -7.85 -28.96 8.32
C CYS B 71 -8.52 -29.20 9.67
N ILE B 72 -9.12 -28.15 10.24
CA ILE B 72 -9.72 -28.19 11.59
C ILE B 72 -11.21 -28.54 11.67
N GLY B 73 -11.85 -28.73 10.52
CA GLY B 73 -13.27 -29.10 10.47
C GLY B 73 -13.99 -28.75 9.18
N PRO B 74 -15.33 -29.02 9.13
CA PRO B 74 -16.10 -28.70 7.92
C PRO B 74 -16.31 -27.20 7.74
N ALA B 75 -16.98 -26.81 6.65
CA ALA B 75 -17.25 -25.42 6.27
C ALA B 75 -17.88 -24.51 7.35
N PRO B 76 -18.99 -24.87 8.06
CA PRO B 76 -19.57 -23.91 9.02
C PRO B 76 -18.58 -23.51 10.11
N SER B 77 -18.45 -22.19 10.37
CA SER B 77 -17.50 -21.63 11.33
C SER B 77 -17.55 -22.25 12.71
N VAL B 78 -18.75 -22.67 13.17
CA VAL B 78 -18.91 -23.31 14.48
C VAL B 78 -17.98 -24.52 14.66
N LYS B 79 -17.78 -25.31 13.57
CA LYS B 79 -16.95 -26.50 13.61
C LYS B 79 -15.54 -26.27 13.05
N SER B 80 -15.24 -25.02 12.64
CA SER B 80 -13.90 -24.71 12.17
C SER B 80 -13.31 -23.48 12.87
N TYR B 81 -13.55 -22.26 12.32
CA TYR B 81 -12.98 -21.01 12.87
C TYR B 81 -13.38 -20.59 14.27
N LEU B 82 -14.46 -21.19 14.82
CA LEU B 82 -14.92 -20.91 16.18
C LEU B 82 -14.70 -22.14 17.08
N ASN B 83 -14.11 -23.19 16.50
CA ASN B 83 -13.86 -24.45 17.18
C ASN B 83 -12.59 -24.34 18.02
N ILE B 84 -12.76 -23.93 19.29
CA ILE B 84 -11.68 -23.74 20.27
C ILE B 84 -10.81 -25.01 20.45
N PRO B 85 -11.35 -26.22 20.79
CA PRO B 85 -10.48 -27.40 20.93
C PRO B 85 -9.67 -27.74 19.68
N ALA B 86 -10.28 -27.63 18.48
CA ALA B 86 -9.61 -27.98 17.22
C ALA B 86 -8.46 -27.02 16.90
N ILE B 87 -8.62 -25.73 17.24
CA ILE B 87 -7.58 -24.72 17.01
C ILE B 87 -6.38 -24.93 17.96
N ILE B 88 -6.66 -25.18 19.26
CA ILE B 88 -5.61 -25.45 20.25
C ILE B 88 -4.90 -26.78 19.94
N SER B 89 -5.66 -27.81 19.53
CA SER B 89 -5.12 -29.12 19.17
C SER B 89 -4.14 -29.02 18.00
N ALA B 90 -4.44 -28.13 17.03
CA ALA B 90 -3.59 -27.87 15.86
C ALA B 90 -2.26 -27.22 16.28
N ALA B 91 -2.32 -26.28 17.25
CA ALA B 91 -1.14 -25.62 17.80
C ALA B 91 -0.25 -26.67 18.52
N GLU B 92 -0.88 -27.57 19.29
CA GLU B 92 -0.17 -28.65 19.99
C GLU B 92 0.49 -29.63 19.01
N ILE B 93 -0.27 -30.18 18.04
CA ILE B 93 0.29 -31.15 17.08
C ILE B 93 1.44 -30.64 16.20
N THR B 94 1.41 -29.37 15.80
CA THR B 94 2.45 -28.78 14.94
C THR B 94 3.63 -28.25 15.72
N GLY B 95 3.48 -28.14 17.04
CA GLY B 95 4.51 -27.58 17.90
C GLY B 95 4.57 -26.06 17.79
N ALA B 96 3.42 -25.42 17.47
CA ALA B 96 3.33 -23.95 17.40
C ALA B 96 3.42 -23.39 18.81
N VAL B 97 3.87 -22.13 18.96
CA VAL B 97 4.08 -21.50 20.26
C VAL B 97 3.08 -20.40 20.57
N ALA B 98 2.37 -19.94 19.53
CA ALA B 98 1.47 -18.82 19.66
C ALA B 98 0.34 -18.89 18.66
N ILE B 99 -0.76 -18.17 18.92
CA ILE B 99 -1.91 -18.14 18.04
C ILE B 99 -2.29 -16.70 17.76
N HIS B 100 -2.40 -16.35 16.46
CA HIS B 100 -2.84 -15.02 16.02
C HIS B 100 -4.32 -15.14 15.60
N PRO B 101 -5.25 -14.51 16.33
CA PRO B 101 -6.67 -14.65 16.00
C PRO B 101 -7.20 -13.77 14.84
N GLY B 102 -6.38 -12.85 14.34
CA GLY B 102 -6.77 -11.89 13.32
C GLY B 102 -7.83 -10.95 13.87
N TYR B 103 -8.90 -10.70 13.09
CA TYR B 103 -10.08 -9.93 13.50
C TYR B 103 -11.31 -10.83 13.35
N GLY B 104 -12.43 -10.44 13.96
CA GLY B 104 -13.65 -11.25 13.94
C GLY B 104 -13.41 -12.59 14.63
N PHE B 105 -14.18 -13.64 14.26
CA PHE B 105 -14.09 -14.98 14.86
C PHE B 105 -13.87 -15.00 16.39
N LEU B 106 -12.71 -15.48 16.86
CA LEU B 106 -12.43 -15.60 18.31
C LEU B 106 -11.50 -14.54 18.87
N SER B 107 -11.17 -13.50 18.06
CA SER B 107 -10.23 -12.44 18.45
C SER B 107 -10.59 -11.63 19.69
N GLU B 108 -11.88 -11.51 20.00
CA GLU B 108 -12.32 -10.78 21.18
C GLU B 108 -13.09 -11.70 22.13
N ASN B 109 -12.85 -13.01 21.97
CA ASN B 109 -13.44 -14.05 22.78
C ASN B 109 -12.49 -14.32 23.94
N ALA B 110 -12.85 -13.81 25.13
CA ALA B 110 -12.04 -13.91 26.34
C ALA B 110 -11.85 -15.34 26.83
N ASN B 111 -12.88 -16.20 26.67
CA ASN B 111 -12.81 -17.63 27.01
C ASN B 111 -11.72 -18.30 26.20
N PHE B 112 -11.65 -17.98 24.90
CA PHE B 112 -10.65 -18.51 23.99
C PHE B 112 -9.24 -18.07 24.39
N ALA B 113 -9.07 -16.77 24.70
CA ALA B 113 -7.76 -16.23 25.10
C ALA B 113 -7.29 -16.91 26.41
N GLU B 114 -8.23 -17.17 27.36
CA GLU B 114 -7.94 -17.84 28.63
C GLU B 114 -7.49 -19.28 28.38
N GLN B 115 -8.19 -20.01 27.48
CA GLN B 115 -7.87 -21.40 27.15
C GLN B 115 -6.52 -21.53 26.46
N VAL B 116 -6.16 -20.55 25.61
CA VAL B 116 -4.86 -20.48 24.93
C VAL B 116 -3.78 -20.29 26.02
N GLU B 117 -3.97 -19.30 26.93
CA GLU B 117 -3.04 -19.01 28.04
C GLU B 117 -2.89 -20.27 28.91
N ARG B 118 -4.04 -20.89 29.30
CA ARG B 118 -4.14 -22.10 30.13
C ARG B 118 -3.37 -23.27 29.50
N SER B 119 -3.44 -23.40 28.17
CA SER B 119 -2.76 -24.48 27.43
C SER B 119 -1.27 -24.24 27.19
N GLY B 120 -0.76 -23.10 27.64
CA GLY B 120 0.66 -22.76 27.52
C GLY B 120 1.10 -22.17 26.21
N PHE B 121 0.17 -21.69 25.38
CA PHE B 121 0.51 -21.01 24.12
C PHE B 121 0.28 -19.53 24.29
N ILE B 122 1.01 -18.73 23.51
CA ILE B 122 0.87 -17.28 23.56
C ILE B 122 -0.31 -16.85 22.72
N PHE B 123 -1.17 -16.02 23.30
CA PHE B 123 -2.30 -15.44 22.58
C PHE B 123 -1.79 -14.09 22.02
N ILE B 124 -1.74 -13.94 20.69
CA ILE B 124 -1.27 -12.68 20.09
C ILE B 124 -2.40 -11.63 20.18
N GLY B 125 -2.47 -11.01 21.36
CA GLY B 125 -3.45 -10.01 21.73
C GLY B 125 -3.25 -9.57 23.17
N PRO B 126 -4.22 -8.86 23.78
CA PRO B 126 -4.06 -8.46 25.19
C PRO B 126 -4.30 -9.62 26.14
N LYS B 127 -4.09 -9.42 27.46
CA LYS B 127 -4.41 -10.44 28.47
C LYS B 127 -5.91 -10.72 28.34
N ALA B 128 -6.33 -11.94 28.64
CA ALA B 128 -7.73 -12.33 28.62
C ALA B 128 -8.59 -11.43 29.52
N GLU B 129 -8.08 -11.05 30.73
CA GLU B 129 -8.86 -10.16 31.63
C GLU B 129 -9.08 -8.75 31.02
N THR B 130 -8.14 -8.27 30.19
CA THR B 130 -8.25 -6.98 29.49
C THR B 130 -9.37 -7.07 28.46
N ILE B 131 -9.47 -8.22 27.75
CA ILE B 131 -10.51 -8.50 26.73
C ILE B 131 -11.88 -8.49 27.42
N ARG B 132 -11.99 -9.15 28.61
CA ARG B 132 -13.21 -9.20 29.42
C ARG B 132 -13.64 -7.83 29.88
N LEU B 133 -12.65 -7.04 30.36
CA LEU B 133 -12.90 -5.68 30.83
C LEU B 133 -13.47 -4.81 29.72
N MET B 134 -12.79 -4.75 28.56
CA MET B 134 -13.21 -3.89 27.47
C MET B 134 -14.41 -4.42 26.70
N GLY B 135 -14.64 -5.73 26.79
CA GLY B 135 -15.76 -6.42 26.15
C GLY B 135 -17.07 -6.15 26.89
N ASP B 136 -16.97 -5.78 28.18
CA ASP B 136 -18.16 -5.38 28.93
C ASP B 136 -18.21 -3.87 28.85
N LYS B 137 -19.10 -3.34 28.00
CA LYS B 137 -19.23 -1.92 27.69
C LYS B 137 -19.40 -0.98 28.87
N VAL B 138 -20.16 -1.39 29.91
CA VAL B 138 -20.34 -0.60 31.13
C VAL B 138 -19.02 -0.46 31.89
N SER B 139 -18.34 -1.60 32.16
CA SER B 139 -17.05 -1.63 32.87
C SER B 139 -15.99 -0.86 32.09
N ALA B 140 -16.01 -0.99 30.76
CA ALA B 140 -15.09 -0.33 29.83
C ALA B 140 -15.22 1.19 29.90
N ILE B 141 -16.46 1.72 29.90
CA ILE B 141 -16.69 3.18 30.01
C ILE B 141 -16.18 3.70 31.36
N ALA B 142 -16.47 2.96 32.46
CA ALA B 142 -16.05 3.40 33.79
C ALA B 142 -14.52 3.47 33.87
N ALA B 143 -13.81 2.50 33.27
CA ALA B 143 -12.34 2.49 33.27
C ALA B 143 -11.77 3.65 32.45
N MET B 144 -12.41 3.96 31.29
CA MET B 144 -11.99 5.07 30.42
C MET B 144 -12.23 6.43 31.07
N LYS B 145 -13.40 6.59 31.72
CA LYS B 145 -13.75 7.83 32.43
C LYS B 145 -12.74 8.09 33.56
N LYS B 146 -12.40 7.04 34.32
CA LYS B 146 -11.41 7.07 35.42
C LYS B 146 -10.02 7.45 34.89
N ALA B 147 -9.64 6.92 33.71
CA ALA B 147 -8.33 7.16 33.09
C ALA B 147 -8.19 8.56 32.50
N GLY B 148 -9.32 9.25 32.34
CA GLY B 148 -9.36 10.60 31.77
C GLY B 148 -9.73 10.64 30.29
N VAL B 149 -10.24 9.53 29.72
CA VAL B 149 -10.66 9.50 28.30
C VAL B 149 -12.06 10.14 28.23
N PRO B 150 -12.35 11.11 27.32
CA PRO B 150 -13.71 11.70 27.28
C PRO B 150 -14.76 10.68 26.80
N CYS B 151 -15.85 10.54 27.58
CA CYS B 151 -16.90 9.58 27.29
C CYS B 151 -18.21 10.27 26.93
N VAL B 152 -19.17 9.52 26.37
CA VAL B 152 -20.48 10.10 26.06
C VAL B 152 -21.23 10.28 27.40
N PRO B 153 -21.86 11.44 27.71
CA PRO B 153 -22.63 11.53 28.97
C PRO B 153 -23.70 10.43 28.99
N GLY B 154 -23.84 9.79 30.13
CA GLY B 154 -24.76 8.66 30.23
C GLY B 154 -25.03 8.20 31.64
N SER B 155 -25.71 7.05 31.76
CA SER B 155 -26.08 6.46 33.04
C SER B 155 -24.91 6.14 33.97
N ASP B 156 -23.70 5.89 33.40
CA ASP B 156 -22.48 5.53 34.14
C ASP B 156 -22.77 4.40 35.13
N GLY B 157 -23.34 3.34 34.58
CA GLY B 157 -23.73 2.15 35.33
C GLY B 157 -24.92 1.50 34.66
N PRO B 158 -25.28 0.27 35.08
CA PRO B 158 -26.43 -0.41 34.45
C PRO B 158 -27.76 0.22 34.84
N LEU B 159 -28.76 0.10 33.97
CA LEU B 159 -30.10 0.60 34.25
C LEU B 159 -30.87 -0.47 35.04
N GLY B 160 -31.68 -0.04 36.00
CA GLY B 160 -32.54 -0.94 36.76
C GLY B 160 -33.94 -0.97 36.16
N ASP B 161 -34.93 -1.41 36.95
CA ASP B 161 -36.32 -1.51 36.49
C ASP B 161 -37.19 -0.36 37.01
N ASP B 162 -36.61 0.56 37.80
CA ASP B 162 -37.31 1.71 38.36
C ASP B 162 -37.40 2.79 37.26
N MET B 163 -38.58 2.93 36.64
CA MET B 163 -38.81 3.87 35.56
C MET B 163 -38.73 5.35 35.90
N ASP B 164 -38.93 5.68 37.19
CA ASP B 164 -38.79 7.06 37.68
C ASP B 164 -37.29 7.38 37.68
N LYS B 165 -36.46 6.41 38.08
CA LYS B 165 -35.00 6.55 38.06
C LYS B 165 -34.51 6.65 36.60
N ASN B 166 -35.10 5.84 35.70
CA ASN B 166 -34.75 5.84 34.27
C ASN B 166 -35.14 7.14 33.58
N ARG B 167 -36.36 7.68 33.88
CA ARG B 167 -36.81 8.99 33.37
C ARG B 167 -35.90 10.10 33.91
N ALA B 168 -35.42 9.98 35.18
CA ALA B 168 -34.52 11.00 35.78
C ALA B 168 -33.16 11.03 35.07
N ILE B 169 -32.62 9.84 34.69
CA ILE B 169 -31.35 9.73 33.96
C ILE B 169 -31.52 10.35 32.56
N ALA B 170 -32.64 10.03 31.88
CA ALA B 170 -32.96 10.58 30.56
C ALA B 170 -33.06 12.12 30.60
N LYS B 171 -33.68 12.67 31.68
CA LYS B 171 -33.83 14.11 31.89
C LYS B 171 -32.46 14.80 32.09
N ARG B 172 -31.61 14.22 32.95
CA ARG B 172 -30.27 14.73 33.26
C ARG B 172 -29.38 14.75 32.01
N ILE B 173 -29.44 13.68 31.20
CA ILE B 173 -28.66 13.58 29.97
C ILE B 173 -29.21 14.53 28.91
N GLY B 174 -30.53 14.55 28.74
CA GLY B 174 -31.20 15.33 27.73
C GLY B 174 -31.47 14.48 26.51
N TYR B 175 -32.75 14.40 26.10
CA TYR B 175 -33.19 13.64 24.94
C TYR B 175 -32.65 14.27 23.63
N PRO B 176 -32.34 13.49 22.56
CA PRO B 176 -32.50 12.03 22.45
C PRO B 176 -31.43 11.24 23.20
N VAL B 177 -31.79 10.03 23.60
CA VAL B 177 -30.89 9.12 24.31
C VAL B 177 -30.86 7.82 23.54
N ILE B 178 -29.92 6.94 23.90
CA ILE B 178 -29.81 5.62 23.30
C ILE B 178 -29.64 4.57 24.41
N ILE B 179 -30.40 3.48 24.32
CA ILE B 179 -30.31 2.36 25.26
C ILE B 179 -29.36 1.37 24.59
N LYS B 180 -28.34 0.91 25.32
CA LYS B 180 -27.31 0.04 24.74
C LYS B 180 -27.01 -1.15 25.62
N ALA B 181 -26.78 -2.32 25.00
CA ALA B 181 -26.46 -3.57 25.69
C ALA B 181 -24.98 -3.57 26.10
N SER B 182 -24.72 -3.89 27.37
CA SER B 182 -23.35 -3.94 27.90
C SER B 182 -22.56 -5.09 27.23
N GLY B 183 -23.27 -6.13 26.82
CA GLY B 183 -22.69 -7.29 26.13
C GLY B 183 -22.70 -7.10 24.62
N GLY B 184 -23.20 -5.95 24.17
CA GLY B 184 -23.30 -5.58 22.76
C GLY B 184 -22.00 -4.98 22.23
N GLY B 185 -22.13 -4.22 21.14
CA GLY B 185 -20.98 -3.59 20.49
C GLY B 185 -21.13 -3.49 18.99
N GLY B 186 -20.36 -2.58 18.38
CA GLY B 186 -20.36 -2.30 16.95
C GLY B 186 -21.72 -2.05 16.32
N GLY B 187 -22.55 -1.26 17.00
CA GLY B 187 -23.89 -0.96 16.52
C GLY B 187 -24.93 -2.06 16.73
N ARG B 188 -24.53 -3.18 17.33
CA ARG B 188 -25.44 -4.29 17.65
C ARG B 188 -25.86 -4.19 19.13
N GLY B 189 -27.18 -4.19 19.37
CA GLY B 189 -27.75 -4.11 20.71
C GLY B 189 -27.97 -2.70 21.21
N MET B 190 -28.71 -1.89 20.41
CA MET B 190 -29.00 -0.49 20.76
C MET B 190 -30.32 0.04 20.21
N ARG B 191 -30.88 1.09 20.85
CA ARG B 191 -32.17 1.67 20.46
C ARG B 191 -32.25 3.15 20.84
N VAL B 192 -32.51 4.04 19.84
CA VAL B 192 -32.68 5.49 20.04
C VAL B 192 -34.05 5.75 20.71
N VAL B 193 -34.06 6.60 21.76
CA VAL B 193 -35.27 7.03 22.51
C VAL B 193 -35.34 8.54 22.40
N ARG B 194 -36.48 9.07 21.94
CA ARG B 194 -36.65 10.52 21.75
C ARG B 194 -37.53 11.23 22.79
N GLY B 195 -38.29 10.47 23.56
CA GLY B 195 -39.15 10.99 24.62
C GLY B 195 -39.56 9.94 25.65
N ASP B 196 -40.07 10.41 26.81
CA ASP B 196 -40.54 9.54 27.92
C ASP B 196 -41.50 8.44 27.49
N ALA B 197 -42.44 8.74 26.55
CA ALA B 197 -43.46 7.79 26.07
C ALA B 197 -42.90 6.47 25.52
N GLU B 198 -41.72 6.52 24.87
CA GLU B 198 -41.05 5.34 24.28
C GLU B 198 -40.01 4.72 25.20
N LEU B 199 -39.64 5.41 26.31
CA LEU B 199 -38.59 4.96 27.22
C LEU B 199 -38.70 3.56 27.83
N ALA B 200 -39.83 3.24 28.52
CA ALA B 200 -40.01 1.92 29.15
C ALA B 200 -39.93 0.76 28.16
N GLN B 201 -40.66 0.86 27.04
CA GLN B 201 -40.70 -0.16 25.99
C GLN B 201 -39.36 -0.34 25.30
N SER B 202 -38.62 0.75 25.07
CA SER B 202 -37.30 0.73 24.44
C SER B 202 -36.29 0.03 25.33
N ILE B 203 -36.31 0.32 26.66
CA ILE B 203 -35.43 -0.33 27.63
C ILE B 203 -35.75 -1.83 27.66
N SER B 204 -37.05 -2.15 27.79
CA SER B 204 -37.57 -3.51 27.85
C SER B 204 -37.19 -4.35 26.61
N MET B 205 -37.31 -3.77 25.41
CA MET B 205 -36.96 -4.41 24.16
C MET B 205 -35.45 -4.64 24.05
N THR B 206 -34.62 -3.63 24.47
CA THR B 206 -33.17 -3.74 24.41
C THR B 206 -32.66 -4.86 25.32
N ARG B 207 -33.25 -4.96 26.52
CA ARG B 207 -32.96 -6.00 27.53
C ARG B 207 -33.23 -7.40 26.98
N ALA B 208 -34.43 -7.59 26.40
CA ALA B 208 -34.90 -8.85 25.83
C ALA B 208 -33.99 -9.30 24.69
N GLU B 209 -33.63 -8.37 23.78
CA GLU B 209 -32.73 -8.56 22.65
C GLU B 209 -31.34 -8.96 23.12
N ALA B 210 -30.83 -8.28 24.17
CA ALA B 210 -29.49 -8.51 24.76
C ALA B 210 -29.44 -9.88 25.45
N LYS B 211 -30.50 -10.24 26.19
CA LYS B 211 -30.60 -11.53 26.86
C LYS B 211 -30.55 -12.66 25.82
N ALA B 212 -31.34 -12.52 24.73
CA ALA B 212 -31.41 -13.51 23.65
C ALA B 212 -30.08 -13.63 22.90
N ALA B 213 -29.45 -12.48 22.59
CA ALA B 213 -28.22 -12.44 21.84
C ALA B 213 -26.93 -12.72 22.61
N PHE B 214 -26.78 -12.15 23.81
CA PHE B 214 -25.55 -12.24 24.59
C PHE B 214 -25.66 -12.97 25.92
N SER B 215 -26.89 -13.45 26.28
CA SER B 215 -27.17 -14.12 27.57
C SER B 215 -26.77 -13.22 28.74
N ASN B 216 -26.94 -11.89 28.54
CA ASN B 216 -26.62 -10.83 29.48
C ASN B 216 -27.57 -9.69 29.16
N ASP B 217 -28.58 -9.49 30.04
CA ASP B 217 -29.64 -8.48 29.88
C ASP B 217 -29.24 -7.06 30.34
N MET B 218 -27.97 -6.85 30.73
CA MET B 218 -27.50 -5.54 31.18
C MET B 218 -27.52 -4.49 30.09
N VAL B 219 -28.16 -3.35 30.39
CA VAL B 219 -28.25 -2.21 29.51
C VAL B 219 -27.78 -0.95 30.24
N TYR B 220 -27.35 0.07 29.47
CA TYR B 220 -26.97 1.38 29.96
C TYR B 220 -27.56 2.44 29.06
N MET B 221 -27.56 3.70 29.51
CA MET B 221 -28.11 4.79 28.73
C MET B 221 -26.99 5.72 28.35
N GLU B 222 -27.09 6.30 27.16
CA GLU B 222 -26.10 7.22 26.63
C GLU B 222 -26.81 8.35 25.92
N LYS B 223 -26.19 9.53 25.87
CA LYS B 223 -26.70 10.66 25.11
C LYS B 223 -26.61 10.27 23.64
N TYR B 224 -27.67 10.53 22.86
CA TYR B 224 -27.63 10.20 21.43
C TYR B 224 -27.14 11.41 20.63
N LEU B 225 -26.03 11.24 19.91
CA LEU B 225 -25.44 12.29 19.08
C LEU B 225 -26.03 12.17 17.68
N GLU B 226 -26.64 13.26 17.20
CA GLU B 226 -27.35 13.31 15.94
C GLU B 226 -26.51 13.18 14.66
N ASN B 227 -25.43 13.96 14.52
CA ASN B 227 -24.61 13.89 13.31
C ASN B 227 -23.09 13.71 13.57
N PRO B 228 -22.67 12.61 14.23
CA PRO B 228 -21.24 12.44 14.49
C PRO B 228 -20.46 11.83 13.34
N ARG B 229 -19.13 11.88 13.45
CA ARG B 229 -18.16 11.21 12.60
C ARG B 229 -17.55 10.09 13.46
N HIS B 230 -17.23 8.95 12.85
CA HIS B 230 -16.63 7.84 13.57
C HIS B 230 -15.12 7.98 13.38
N VAL B 231 -14.44 8.48 14.44
CA VAL B 231 -12.99 8.70 14.45
C VAL B 231 -12.38 7.76 15.49
N GLU B 232 -11.38 6.98 15.08
CA GLU B 232 -10.78 5.99 15.97
C GLU B 232 -9.27 6.13 16.11
N ILE B 233 -8.74 5.92 17.33
CA ILE B 233 -7.31 6.03 17.61
C ILE B 233 -6.62 4.67 17.64
N GLN B 234 -5.55 4.54 16.86
CA GLN B 234 -4.75 3.31 16.84
C GLN B 234 -3.71 3.38 17.96
N VAL B 235 -3.61 2.33 18.76
CA VAL B 235 -2.59 2.20 19.81
C VAL B 235 -1.78 0.90 19.66
N LEU B 236 -0.60 0.89 20.32
CA LEU B 236 0.33 -0.23 20.48
C LEU B 236 0.93 -0.15 21.87
N ALA B 237 0.93 -1.27 22.61
CA ALA B 237 1.53 -1.33 23.94
C ALA B 237 2.29 -2.64 24.07
N ASP B 238 3.52 -2.55 24.56
CA ASP B 238 4.33 -3.75 24.75
C ASP B 238 4.25 -4.23 26.20
N GLY B 239 4.98 -5.30 26.53
CA GLY B 239 5.02 -5.83 27.89
C GLY B 239 6.10 -5.15 28.71
N GLN B 240 6.73 -4.13 28.15
CA GLN B 240 7.80 -3.40 28.79
C GLN B 240 7.43 -1.99 29.30
N GLY B 241 6.13 -1.67 29.27
CA GLY B 241 5.65 -0.40 29.78
C GLY B 241 5.46 0.68 28.72
N ASN B 242 5.83 0.40 27.47
CA ASN B 242 5.65 1.39 26.40
C ASN B 242 4.24 1.32 25.81
N ALA B 243 3.64 2.48 25.59
CA ALA B 243 2.31 2.62 24.99
C ALA B 243 2.29 3.89 24.15
N ILE B 244 2.03 3.71 22.85
CA ILE B 244 2.03 4.76 21.84
C ILE B 244 0.73 4.83 21.05
N TYR B 245 0.43 6.02 20.52
CA TYR B 245 -0.73 6.22 19.67
C TYR B 245 -0.23 6.45 18.23
N LEU B 246 -0.92 5.85 17.25
CA LEU B 246 -0.53 5.95 15.85
C LEU B 246 -1.63 6.66 15.05
N ALA B 247 -1.84 7.93 15.41
CA ALA B 247 -2.84 8.84 14.85
C ALA B 247 -4.25 8.24 14.83
N GLU B 248 -5.08 8.74 13.94
CA GLU B 248 -6.48 8.34 13.83
C GLU B 248 -6.88 7.95 12.42
N ARG B 249 -8.05 7.34 12.34
CA ARG B 249 -8.73 6.93 11.12
C ARG B 249 -10.15 7.47 11.17
N ASP B 250 -10.66 7.88 10.00
CA ASP B 250 -12.07 8.31 9.88
C ASP B 250 -12.79 7.17 9.19
N CYS B 251 -13.76 6.54 9.89
CA CYS B 251 -14.49 5.39 9.37
C CYS B 251 -16.00 5.64 9.20
N SER B 252 -16.36 6.91 9.02
CA SER B 252 -17.74 7.39 8.89
C SER B 252 -18.49 6.87 7.66
N MET B 253 -17.78 6.63 6.54
CA MET B 253 -18.39 6.13 5.28
C MET B 253 -18.81 4.67 5.50
N GLN B 254 -20.02 4.51 6.05
CA GLN B 254 -20.54 3.21 6.43
C GLN B 254 -22.02 3.04 6.07
N ARG B 255 -22.48 1.78 6.00
CA ARG B 255 -23.86 1.45 5.69
C ARG B 255 -24.31 0.34 6.64
N ARG B 256 -25.37 0.59 7.42
CA ARG B 256 -25.97 -0.34 8.39
C ARG B 256 -24.92 -0.99 9.28
N HIS B 257 -24.03 -0.16 9.88
CA HIS B 257 -22.92 -0.54 10.77
C HIS B 257 -21.74 -1.25 10.11
N GLN B 258 -21.73 -1.35 8.76
CA GLN B 258 -20.64 -1.94 7.98
C GLN B 258 -19.82 -0.84 7.30
N LYS B 259 -18.54 -0.70 7.69
CA LYS B 259 -17.59 0.26 7.12
C LYS B 259 -17.35 -0.08 5.64
N VAL B 260 -17.30 0.95 4.78
CA VAL B 260 -17.16 0.81 3.33
C VAL B 260 -15.82 1.45 2.90
N VAL B 261 -15.56 2.67 3.40
CA VAL B 261 -14.36 3.45 3.15
C VAL B 261 -13.80 3.92 4.50
N GLU B 262 -12.49 3.81 4.67
CA GLU B 262 -11.82 4.31 5.87
C GLU B 262 -10.63 5.12 5.39
N GLU B 263 -10.22 6.13 6.16
CA GLU B 263 -9.08 6.95 5.76
C GLU B 263 -8.28 7.42 6.94
N ALA B 264 -7.00 7.72 6.68
CA ALA B 264 -6.07 8.22 7.70
C ALA B 264 -5.16 9.29 7.07
N PRO B 265 -4.94 10.43 7.76
CA PRO B 265 -5.54 10.83 9.04
C PRO B 265 -7.01 11.26 8.82
N ALA B 266 -7.72 11.68 9.87
CA ALA B 266 -9.11 12.13 9.71
C ALA B 266 -9.13 13.60 9.25
N PRO B 267 -9.87 13.95 8.16
CA PRO B 267 -9.92 15.35 7.71
C PRO B 267 -10.44 16.30 8.79
N GLY B 268 -9.83 17.46 8.90
CA GLY B 268 -10.20 18.47 9.88
C GLY B 268 -9.59 18.28 11.26
N ILE B 269 -8.89 17.15 11.50
CA ILE B 269 -8.22 16.92 12.79
C ILE B 269 -6.87 17.62 12.73
N THR B 270 -6.64 18.52 13.70
CA THR B 270 -5.42 19.32 13.80
C THR B 270 -4.36 18.55 14.59
N PRO B 271 -3.04 18.86 14.46
CA PRO B 271 -2.03 18.14 15.26
C PRO B 271 -2.24 18.27 16.78
N GLU B 272 -2.82 19.42 17.24
CA GLU B 272 -3.12 19.70 18.65
C GLU B 272 -4.24 18.78 19.15
N LEU B 273 -5.29 18.57 18.32
CA LEU B 273 -6.42 17.70 18.65
C LEU B 273 -5.96 16.24 18.64
N ARG B 274 -5.07 15.88 17.69
CA ARG B 274 -4.48 14.54 17.54
C ARG B 274 -3.68 14.20 18.79
N ARG B 275 -2.80 15.13 19.22
CA ARG B 275 -1.98 15.01 20.42
C ARG B 275 -2.85 14.86 21.67
N TYR B 276 -3.88 15.71 21.82
CA TYR B 276 -4.81 15.70 22.95
C TYR B 276 -5.45 14.31 23.14
N ILE B 277 -6.14 13.81 22.11
CA ILE B 277 -6.82 12.52 22.20
C ILE B 277 -5.88 11.32 22.26
N GLY B 278 -4.80 11.36 21.47
CA GLY B 278 -3.83 10.28 21.44
C GLY B 278 -3.17 10.02 22.78
N GLU B 279 -2.72 11.10 23.45
CA GLU B 279 -2.08 11.01 24.78
C GLU B 279 -3.02 10.44 25.83
N ARG B 280 -4.31 10.78 25.75
CA ARG B 280 -5.31 10.25 26.66
C ARG B 280 -5.48 8.72 26.46
N CYS B 281 -5.49 8.26 25.20
CA CYS B 281 -5.61 6.84 24.83
C CYS B 281 -4.39 6.05 25.27
N ALA B 282 -3.18 6.65 25.06
CA ALA B 282 -1.91 6.02 25.45
C ALA B 282 -1.86 5.87 26.99
N LYS B 283 -2.32 6.89 27.73
CA LYS B 283 -2.37 6.86 29.21
C LYS B 283 -3.37 5.80 29.68
N ALA B 284 -4.52 5.66 28.96
CA ALA B 284 -5.53 4.65 29.29
C ALA B 284 -4.96 3.23 29.15
N CYS B 285 -4.07 3.00 28.15
CA CYS B 285 -3.37 1.71 27.96
C CYS B 285 -2.53 1.38 29.19
N VAL B 286 -1.77 2.36 29.71
CA VAL B 286 -0.90 2.21 30.89
C VAL B 286 -1.74 1.84 32.12
N ASP B 287 -2.81 2.61 32.38
CA ASP B 287 -3.74 2.39 33.50
C ASP B 287 -4.39 1.01 33.50
N ILE B 288 -4.81 0.50 32.33
CA ILE B 288 -5.45 -0.82 32.25
C ILE B 288 -4.48 -1.98 32.04
N GLY B 289 -3.20 -1.65 31.83
CA GLY B 289 -2.17 -2.65 31.55
C GLY B 289 -2.43 -3.30 30.20
N TYR B 290 -2.75 -2.47 29.19
CA TYR B 290 -3.03 -2.97 27.85
C TYR B 290 -1.77 -3.55 27.21
N ARG B 291 -1.93 -4.58 26.35
CA ARG B 291 -0.82 -5.22 25.63
C ARG B 291 -1.24 -5.50 24.18
N GLY B 292 -0.35 -5.18 23.24
CA GLY B 292 -0.55 -5.43 21.82
C GLY B 292 -1.22 -4.29 21.09
N ALA B 293 -1.84 -4.61 19.93
CA ALA B 293 -2.56 -3.62 19.14
C ALA B 293 -3.97 -3.45 19.70
N GLY B 294 -4.47 -2.23 19.61
CA GLY B 294 -5.79 -1.90 20.06
C GLY B 294 -6.31 -0.65 19.39
N THR B 295 -7.64 -0.46 19.43
CA THR B 295 -8.27 0.74 18.85
C THR B 295 -9.29 1.36 19.77
N PHE B 296 -9.15 2.64 20.03
CA PHE B 296 -10.12 3.40 20.84
C PHE B 296 -11.08 4.06 19.86
N GLU B 297 -12.34 3.59 19.85
CA GLU B 297 -13.36 4.12 18.94
C GLU B 297 -14.12 5.27 19.59
N PHE B 298 -14.24 6.39 18.85
CA PHE B 298 -14.92 7.58 19.31
C PHE B 298 -15.95 8.04 18.32
N LEU B 299 -16.90 8.83 18.82
CA LEU B 299 -17.82 9.58 17.99
C LEU B 299 -17.25 10.99 18.10
N PHE B 300 -17.12 11.65 16.96
CA PHE B 300 -16.56 13.00 16.91
C PHE B 300 -17.62 13.95 16.37
N GLU B 301 -18.01 14.92 17.21
CA GLU B 301 -19.04 15.90 16.88
C GLU B 301 -18.70 17.21 17.56
N ASN B 302 -18.79 18.30 16.79
CA ASN B 302 -18.53 19.68 17.19
C ASN B 302 -17.19 19.86 17.92
N GLY B 303 -16.12 19.38 17.27
CA GLY B 303 -14.75 19.45 17.79
C GLY B 303 -14.47 18.64 19.04
N GLU B 304 -15.40 17.75 19.45
CA GLU B 304 -15.29 16.96 20.66
C GLU B 304 -15.27 15.45 20.42
N PHE B 305 -14.38 14.73 21.16
CA PHE B 305 -14.30 13.27 21.12
C PHE B 305 -15.15 12.66 22.23
N TYR B 306 -15.82 11.53 21.93
CA TYR B 306 -16.64 10.80 22.89
C TYR B 306 -16.42 9.30 22.69
N PHE B 307 -15.78 8.65 23.69
CA PHE B 307 -15.50 7.22 23.65
C PHE B 307 -16.76 6.40 23.60
N ILE B 308 -16.78 5.38 22.76
CA ILE B 308 -17.90 4.45 22.69
C ILE B 308 -17.46 3.03 23.06
N GLU B 309 -16.30 2.59 22.53
CA GLU B 309 -15.74 1.26 22.77
C GLU B 309 -14.31 1.07 22.32
N MET B 310 -13.67 0.05 22.89
CA MET B 310 -12.31 -0.29 22.51
C MET B 310 -12.28 -1.62 21.79
N ASN B 311 -11.58 -1.63 20.67
CA ASN B 311 -11.39 -2.82 19.87
C ASN B 311 -10.08 -3.46 20.35
N THR B 312 -10.17 -4.64 20.99
CA THR B 312 -9.00 -5.30 21.58
C THR B 312 -8.29 -6.29 20.66
N ARG B 313 -8.10 -5.89 19.41
CA ARG B 313 -7.47 -6.70 18.34
C ARG B 313 -7.07 -5.77 17.21
N ILE B 314 -6.45 -6.36 16.15
CA ILE B 314 -6.12 -5.60 14.95
C ILE B 314 -7.44 -5.26 14.25
N GLN B 315 -7.48 -4.14 13.55
CA GLN B 315 -8.68 -3.80 12.82
C GLN B 315 -8.49 -4.09 11.37
N VAL B 316 -9.62 -4.28 10.65
CA VAL B 316 -9.68 -4.52 9.20
C VAL B 316 -8.90 -3.40 8.48
N GLU B 317 -9.20 -2.14 8.87
CA GLU B 317 -8.68 -0.92 8.26
C GLU B 317 -7.32 -0.48 8.74
N HIS B 318 -6.60 -1.36 9.47
CA HIS B 318 -5.24 -1.08 9.91
C HIS B 318 -4.32 -0.58 8.78
N PRO B 319 -4.36 -1.09 7.50
CA PRO B 319 -3.41 -0.60 6.48
C PRO B 319 -3.33 0.92 6.25
N VAL B 320 -4.44 1.68 6.43
CA VAL B 320 -4.37 3.14 6.23
C VAL B 320 -3.41 3.82 7.25
N THR B 321 -3.36 3.27 8.49
CA THR B 321 -2.46 3.75 9.53
C THR B 321 -1.01 3.44 9.16
N GLU B 322 -0.78 2.22 8.66
CA GLU B 322 0.54 1.75 8.22
C GLU B 322 1.12 2.64 7.13
N MET B 323 0.31 3.04 6.12
CA MET B 323 0.76 3.90 5.02
C MET B 323 1.21 5.29 5.49
N ILE B 324 0.47 5.88 6.47
CA ILE B 324 0.78 7.23 6.99
C ILE B 324 1.87 7.32 8.04
N THR B 325 2.24 6.18 8.65
CA THR B 325 3.26 6.19 9.70
C THR B 325 4.51 5.38 9.34
N GLY B 326 4.37 4.44 8.38
CA GLY B 326 5.44 3.53 8.00
C GLY B 326 5.58 2.33 8.94
N VAL B 327 4.74 2.27 9.97
CA VAL B 327 4.76 1.21 10.98
C VAL B 327 3.95 0.01 10.52
N ASP B 328 4.59 -1.18 10.51
CA ASP B 328 3.97 -2.46 10.15
C ASP B 328 3.32 -2.97 11.45
N LEU B 329 2.01 -2.77 11.59
CA LEU B 329 1.24 -3.12 12.79
C LEU B 329 1.21 -4.61 13.16
N ILE B 330 1.17 -5.49 12.16
CA ILE B 330 1.17 -6.97 12.37
C ILE B 330 2.54 -7.41 12.88
N LYS B 331 3.63 -6.88 12.29
CA LYS B 331 5.00 -7.17 12.75
C LYS B 331 5.19 -6.72 14.20
N GLU B 332 4.60 -5.55 14.60
CA GLU B 332 4.63 -5.07 15.99
C GLU B 332 3.89 -6.05 16.89
N GLN B 333 2.72 -6.56 16.47
CA GLN B 333 1.99 -7.55 17.28
C GLN B 333 2.84 -8.77 17.57
N LEU B 334 3.52 -9.30 16.54
CA LEU B 334 4.38 -10.48 16.65
C LEU B 334 5.59 -10.25 17.55
N ARG B 335 6.20 -9.04 17.43
CA ARG B 335 7.35 -8.60 18.24
C ARG B 335 6.97 -8.49 19.71
N ILE B 336 5.82 -7.83 20.03
CA ILE B 336 5.27 -7.65 21.38
C ILE B 336 5.06 -9.03 22.03
N ALA B 337 4.37 -9.94 21.31
CA ALA B 337 4.06 -11.31 21.75
C ALA B 337 5.35 -12.10 22.05
N ALA B 338 6.42 -11.87 21.26
CA ALA B 338 7.71 -12.53 21.48
C ALA B 338 8.43 -11.99 22.72
N GLY B 339 7.97 -10.84 23.23
CA GLY B 339 8.56 -10.22 24.41
C GLY B 339 9.53 -9.11 24.07
N GLN B 340 9.46 -8.59 22.84
CA GLN B 340 10.34 -7.49 22.41
C GLN B 340 9.67 -6.14 22.65
N PRO B 341 10.44 -5.04 22.81
CA PRO B 341 9.79 -3.74 22.96
C PRO B 341 9.23 -3.26 21.62
N LEU B 342 8.38 -2.21 21.65
CA LEU B 342 7.87 -1.58 20.43
C LEU B 342 9.10 -1.13 19.64
N SER B 343 9.09 -1.30 18.33
CA SER B 343 10.24 -0.93 17.50
C SER B 343 10.39 0.59 17.35
N ILE B 344 9.34 1.37 17.69
CA ILE B 344 9.35 2.84 17.61
C ILE B 344 8.87 3.50 18.90
N LYS B 345 9.38 4.71 19.17
CA LYS B 345 8.95 5.54 20.29
C LYS B 345 7.92 6.54 19.74
N GLN B 346 7.13 7.20 20.63
CA GLN B 346 6.12 8.18 20.25
C GLN B 346 6.67 9.29 19.33
N GLU B 347 7.84 9.86 19.71
CA GLU B 347 8.51 10.92 18.97
C GLU B 347 8.97 10.48 17.57
N GLU B 348 8.99 9.15 17.33
CA GLU B 348 9.32 8.54 16.03
C GLU B 348 8.08 8.29 15.17
N VAL B 349 6.86 8.47 15.75
CA VAL B 349 5.59 8.30 15.03
C VAL B 349 5.26 9.65 14.40
N HIS B 350 5.22 9.69 13.06
CA HIS B 350 4.95 10.92 12.32
C HIS B 350 3.85 10.69 11.31
N VAL B 351 2.86 11.59 11.29
CA VAL B 351 1.80 11.52 10.30
C VAL B 351 2.37 12.12 9.02
N ARG B 352 2.43 11.33 7.94
CA ARG B 352 2.92 11.77 6.65
C ARG B 352 1.95 11.34 5.57
N GLY B 353 1.48 12.32 4.79
CA GLY B 353 0.56 12.11 3.69
C GLY B 353 -0.82 11.67 4.11
N HIS B 354 -1.51 10.97 3.21
CA HIS B 354 -2.87 10.54 3.44
C HIS B 354 -3.12 9.19 2.79
N ALA B 355 -3.99 8.35 3.39
CA ALA B 355 -4.32 7.04 2.83
C ALA B 355 -5.82 6.80 2.86
N VAL B 356 -6.37 6.17 1.80
CA VAL B 356 -7.80 5.86 1.71
C VAL B 356 -7.92 4.35 1.47
N GLU B 357 -8.90 3.70 2.11
CA GLU B 357 -9.14 2.26 1.90
C GLU B 357 -10.55 2.05 1.42
N CYS B 358 -10.71 1.27 0.33
CA CYS B 358 -12.01 0.84 -0.20
C CYS B 358 -12.10 -0.65 0.06
N ARG B 359 -13.07 -1.10 0.89
CA ARG B 359 -13.27 -2.53 1.11
C ARG B 359 -13.93 -3.07 -0.16
N ILE B 360 -13.43 -4.18 -0.67
CA ILE B 360 -13.99 -4.82 -1.86
C ILE B 360 -14.80 -6.02 -1.39
N ASN B 361 -16.11 -6.00 -1.66
CA ASN B 361 -17.02 -7.06 -1.20
C ASN B 361 -17.65 -7.80 -2.35
N ALA B 362 -17.82 -9.12 -2.21
CA ALA B 362 -18.54 -9.93 -3.18
C ALA B 362 -19.98 -9.79 -2.69
N GLU B 363 -20.64 -8.70 -3.11
CA GLU B 363 -21.99 -8.38 -2.66
C GLU B 363 -22.86 -7.83 -3.79
N ASP B 364 -24.17 -8.11 -3.71
CA ASP B 364 -25.17 -7.66 -4.66
C ASP B 364 -25.49 -6.19 -4.36
N PRO B 365 -25.38 -5.28 -5.35
CA PRO B 365 -25.63 -3.85 -5.09
C PRO B 365 -27.07 -3.45 -4.69
N ASN B 366 -28.07 -4.31 -4.98
CA ASN B 366 -29.47 -4.01 -4.64
C ASN B 366 -29.86 -4.52 -3.26
N THR B 367 -29.46 -5.77 -2.93
CA THR B 367 -29.79 -6.43 -1.66
C THR B 367 -28.76 -6.21 -0.57
N PHE B 368 -27.49 -5.92 -0.97
CA PHE B 368 -26.31 -5.78 -0.11
C PHE B 368 -25.94 -7.11 0.57
N LEU B 369 -26.60 -8.19 0.11
CA LEU B 369 -26.35 -9.54 0.62
C LEU B 369 -25.08 -10.10 0.00
N PRO B 370 -24.34 -10.98 0.71
CA PRO B 370 -23.15 -11.61 0.09
C PRO B 370 -23.49 -12.26 -1.25
N SER B 371 -22.59 -12.14 -2.21
CA SER B 371 -22.74 -12.69 -3.56
C SER B 371 -21.62 -13.75 -3.81
N PRO B 372 -21.74 -14.98 -3.25
CA PRO B 372 -20.68 -15.98 -3.46
C PRO B 372 -20.65 -16.51 -4.90
N GLY B 373 -19.56 -17.18 -5.25
CA GLY B 373 -19.39 -17.75 -6.58
C GLY B 373 -17.92 -17.83 -6.99
N LYS B 374 -17.69 -18.27 -8.23
CA LYS B 374 -16.35 -18.46 -8.77
C LYS B 374 -15.89 -17.22 -9.55
N ILE B 375 -14.67 -16.73 -9.26
CA ILE B 375 -14.05 -15.60 -9.96
C ILE B 375 -13.48 -16.18 -11.27
N THR B 376 -13.98 -15.71 -12.43
CA THR B 376 -13.55 -16.23 -13.75
C THR B 376 -12.34 -15.51 -14.35
N ARG B 377 -12.22 -14.21 -14.06
CA ARG B 377 -11.12 -13.36 -14.53
C ARG B 377 -10.78 -12.43 -13.40
N PHE B 378 -9.50 -12.29 -13.09
CA PHE B 378 -9.06 -11.39 -12.03
C PHE B 378 -7.83 -10.57 -12.42
N HIS B 379 -7.90 -9.25 -12.19
CA HIS B 379 -6.78 -8.34 -12.41
C HIS B 379 -6.67 -7.31 -11.30
N ALA B 380 -5.49 -7.24 -10.68
CA ALA B 380 -5.23 -6.31 -9.58
C ALA B 380 -4.62 -5.00 -10.09
N PRO B 381 -4.98 -3.83 -9.48
CA PRO B 381 -4.32 -2.58 -9.87
C PRO B 381 -2.87 -2.49 -9.34
N GLY B 382 -2.11 -1.58 -9.92
CA GLY B 382 -0.73 -1.33 -9.54
C GLY B 382 -0.39 0.14 -9.59
N GLY B 383 0.88 0.46 -9.38
CA GLY B 383 1.34 1.84 -9.41
C GLY B 383 1.85 2.35 -8.09
N PHE B 384 2.37 3.58 -8.09
CA PHE B 384 2.93 4.28 -6.95
C PHE B 384 1.82 4.63 -5.95
N GLY B 385 1.99 4.18 -4.71
CA GLY B 385 1.04 4.41 -3.62
C GLY B 385 -0.16 3.50 -3.62
N VAL B 386 -0.15 2.43 -4.44
CA VAL B 386 -1.27 1.50 -4.57
C VAL B 386 -0.93 0.19 -3.83
N ARG B 387 -1.77 -0.18 -2.87
CA ARG B 387 -1.60 -1.40 -2.07
C ARG B 387 -2.87 -2.23 -2.16
N TRP B 388 -2.71 -3.50 -2.52
CA TRP B 388 -3.78 -4.46 -2.70
C TRP B 388 -3.67 -5.59 -1.66
N GLU B 389 -4.68 -5.70 -0.79
CA GLU B 389 -4.74 -6.70 0.28
C GLU B 389 -5.86 -7.69 -0.03
N SER B 390 -5.50 -8.85 -0.61
CA SER B 390 -6.50 -9.85 -0.98
C SER B 390 -5.92 -11.20 -1.26
N HIS B 391 -6.70 -12.23 -0.93
CA HIS B 391 -6.40 -13.65 -1.16
C HIS B 391 -6.94 -14.17 -2.50
N ILE B 392 -7.82 -13.38 -3.16
CA ILE B 392 -8.47 -13.79 -4.41
C ILE B 392 -7.52 -13.90 -5.60
N TYR B 393 -7.88 -14.78 -6.53
CA TYR B 393 -7.11 -15.06 -7.75
C TYR B 393 -8.08 -15.62 -8.78
N ALA B 394 -7.68 -15.63 -10.09
CA ALA B 394 -8.51 -16.16 -11.18
C ALA B 394 -8.77 -17.65 -10.95
N GLY B 395 -10.05 -18.02 -10.92
CA GLY B 395 -10.47 -19.40 -10.70
C GLY B 395 -10.88 -19.67 -9.27
N TYR B 396 -10.60 -18.71 -8.34
CA TYR B 396 -10.96 -18.84 -6.92
C TYR B 396 -12.46 -18.75 -6.71
N THR B 397 -13.01 -19.64 -5.85
CA THR B 397 -14.43 -19.62 -5.50
C THR B 397 -14.62 -18.95 -4.14
N VAL B 398 -15.42 -17.89 -4.12
CA VAL B 398 -15.74 -17.21 -2.86
C VAL B 398 -16.81 -18.10 -2.18
N PRO B 399 -16.53 -18.66 -0.98
CA PRO B 399 -17.53 -19.55 -0.36
C PRO B 399 -18.71 -18.80 0.27
N PRO B 400 -19.88 -19.45 0.38
CA PRO B 400 -21.04 -18.76 0.98
C PRO B 400 -21.06 -18.74 2.51
N TYR B 401 -20.20 -19.55 3.15
CA TYR B 401 -20.20 -19.75 4.60
C TYR B 401 -19.72 -18.61 5.45
N TYR B 402 -18.98 -17.65 4.86
CA TYR B 402 -18.35 -16.57 5.61
C TYR B 402 -18.81 -15.18 5.19
N ASP B 403 -18.09 -14.13 5.61
CA ASP B 403 -18.44 -12.75 5.28
C ASP B 403 -18.22 -12.41 3.79
N SER B 404 -18.72 -11.26 3.34
CA SER B 404 -18.67 -10.84 1.95
C SER B 404 -17.34 -10.20 1.49
N MET B 405 -16.49 -9.74 2.42
CA MET B 405 -15.24 -9.07 2.06
C MET B 405 -14.27 -9.97 1.31
N ILE B 406 -13.80 -9.52 0.15
CA ILE B 406 -12.87 -10.30 -0.67
C ILE B 406 -11.52 -9.63 -0.79
N GLY B 407 -11.47 -8.34 -0.51
CA GLY B 407 -10.23 -7.59 -0.57
C GLY B 407 -10.30 -6.17 -0.08
N LYS B 408 -9.16 -5.52 -0.05
CA LYS B 408 -9.05 -4.13 0.38
C LYS B 408 -8.07 -3.43 -0.52
N LEU B 409 -8.51 -2.33 -1.10
CA LEU B 409 -7.70 -1.51 -1.98
C LEU B 409 -7.34 -0.26 -1.19
N ILE B 410 -6.04 -0.03 -0.99
CA ILE B 410 -5.50 1.07 -0.19
C ILE B 410 -4.58 1.92 -1.08
N CYS B 411 -4.88 3.22 -1.17
CA CYS B 411 -4.09 4.17 -1.94
C CYS B 411 -3.61 5.28 -1.07
N TYR B 412 -2.32 5.57 -1.19
CA TYR B 412 -1.64 6.62 -0.44
C TYR B 412 -1.20 7.71 -1.41
N GLY B 413 -1.11 8.93 -0.89
CA GLY B 413 -0.60 10.12 -1.58
C GLY B 413 -0.03 11.09 -0.56
N GLU B 414 0.75 12.07 -1.03
CA GLU B 414 1.34 13.11 -0.16
C GLU B 414 0.25 14.02 0.46
N ASN B 415 -0.97 13.99 -0.09
CA ASN B 415 -2.15 14.69 0.41
C ASN B 415 -3.39 13.87 0.09
N ARG B 416 -4.56 14.26 0.66
CA ARG B 416 -5.84 13.58 0.46
C ARG B 416 -6.27 13.53 -1.01
N ASP B 417 -6.07 14.64 -1.75
CA ASP B 417 -6.43 14.73 -3.16
C ASP B 417 -5.68 13.70 -4.01
N VAL B 418 -4.38 13.54 -3.77
CA VAL B 418 -3.57 12.56 -4.49
C VAL B 418 -4.03 11.11 -4.17
N ALA B 419 -4.34 10.81 -2.88
CA ALA B 419 -4.80 9.46 -2.48
C ALA B 419 -6.12 9.08 -3.18
N ILE B 420 -7.06 10.03 -3.26
CA ILE B 420 -8.38 9.85 -3.90
C ILE B 420 -8.20 9.67 -5.42
N ALA B 421 -7.32 10.50 -6.04
CA ALA B 421 -7.02 10.42 -7.47
C ALA B 421 -6.47 9.05 -7.81
N ARG B 422 -5.56 8.52 -6.96
CA ARG B 422 -4.97 7.20 -7.17
C ARG B 422 -6.00 6.09 -6.96
N MET B 423 -6.94 6.26 -6.01
CA MET B 423 -8.00 5.28 -5.78
C MET B 423 -8.91 5.13 -7.01
N LYS B 424 -9.27 6.27 -7.63
CA LYS B 424 -10.10 6.31 -8.84
C LYS B 424 -9.46 5.51 -9.96
N ASN B 425 -8.14 5.69 -10.16
CA ASN B 425 -7.36 4.98 -11.18
C ASN B 425 -7.26 3.52 -10.86
N ALA B 426 -7.00 3.19 -9.58
CA ALA B 426 -6.86 1.81 -9.10
C ALA B 426 -8.17 1.03 -9.26
N LEU B 427 -9.31 1.62 -8.89
CA LEU B 427 -10.64 0.99 -9.04
C LEU B 427 -10.97 0.69 -10.52
N GLN B 428 -10.50 1.53 -11.47
CA GLN B 428 -10.70 1.34 -12.91
C GLN B 428 -9.87 0.18 -13.47
N GLU B 429 -8.73 -0.14 -12.84
CA GLU B 429 -7.90 -1.28 -13.28
C GLU B 429 -8.36 -2.58 -12.64
N LEU B 430 -9.07 -2.49 -11.50
CA LEU B 430 -9.54 -3.66 -10.76
C LEU B 430 -10.59 -4.46 -11.56
N ILE B 431 -10.27 -5.72 -11.90
CA ILE B 431 -11.16 -6.63 -12.63
C ILE B 431 -11.48 -7.84 -11.77
N ILE B 432 -12.78 -8.02 -11.43
CA ILE B 432 -13.29 -9.17 -10.67
C ILE B 432 -14.59 -9.60 -11.36
N ASP B 433 -14.47 -10.58 -12.27
CA ASP B 433 -15.60 -11.11 -13.05
C ASP B 433 -16.08 -12.45 -12.49
N GLY B 434 -17.33 -12.81 -12.80
CA GLY B 434 -17.95 -14.06 -12.38
C GLY B 434 -18.83 -13.90 -11.15
N ILE B 435 -18.59 -12.84 -10.36
CA ILE B 435 -19.32 -12.52 -9.13
C ILE B 435 -19.71 -11.04 -9.12
N LYS B 436 -20.71 -10.67 -8.30
CA LYS B 436 -21.13 -9.27 -8.14
C LYS B 436 -20.26 -8.63 -7.06
N THR B 437 -19.84 -7.38 -7.26
CA THR B 437 -18.99 -6.67 -6.31
C THR B 437 -19.49 -5.23 -6.10
N ASN B 438 -18.94 -4.54 -5.09
CA ASN B 438 -19.23 -3.14 -4.77
C ASN B 438 -18.21 -2.19 -5.43
N VAL B 439 -17.44 -2.67 -6.44
CA VAL B 439 -16.44 -1.85 -7.16
C VAL B 439 -17.11 -0.59 -7.73
N ASP B 440 -18.26 -0.76 -8.41
CA ASP B 440 -19.01 0.38 -8.98
C ASP B 440 -19.45 1.38 -7.93
N LEU B 441 -19.87 0.89 -6.74
CA LEU B 441 -20.25 1.77 -5.62
C LEU B 441 -19.03 2.55 -5.12
N GLN B 442 -17.87 1.88 -5.01
CA GLN B 442 -16.63 2.52 -4.56
C GLN B 442 -16.24 3.67 -5.49
N ILE B 443 -16.39 3.48 -6.81
CA ILE B 443 -16.13 4.51 -7.84
C ILE B 443 -17.06 5.71 -7.61
N ARG B 444 -18.37 5.44 -7.30
CA ARG B 444 -19.36 6.48 -7.01
C ARG B 444 -18.97 7.28 -5.79
N ILE B 445 -18.52 6.61 -4.71
CA ILE B 445 -18.09 7.29 -3.46
C ILE B 445 -16.89 8.20 -3.76
N MET B 446 -15.87 7.68 -4.48
CA MET B 446 -14.67 8.49 -4.83
C MET B 446 -15.05 9.73 -5.66
N ASN B 447 -16.08 9.62 -6.51
CA ASN B 447 -16.59 10.71 -7.35
C ASN B 447 -17.55 11.65 -6.61
N ASP B 448 -17.95 11.30 -5.35
CA ASP B 448 -18.90 12.09 -4.55
C ASP B 448 -18.27 13.41 -4.12
N GLU B 449 -18.94 14.55 -4.46
CA GLU B 449 -18.43 15.90 -4.14
C GLU B 449 -18.32 16.18 -2.65
N ASN B 450 -19.19 15.57 -1.83
CA ASN B 450 -19.16 15.74 -0.37
C ASN B 450 -18.01 14.93 0.22
N PHE B 451 -17.74 13.71 -0.30
CA PHE B 451 -16.59 12.88 0.12
C PHE B 451 -15.30 13.62 -0.31
N GLN B 452 -15.29 14.20 -1.52
CA GLN B 452 -14.14 14.96 -2.01
C GLN B 452 -13.81 16.17 -1.17
N HIS B 453 -14.83 16.80 -0.56
CA HIS B 453 -14.60 17.91 0.38
C HIS B 453 -14.10 17.33 1.72
N GLY B 454 -14.68 16.20 2.13
CA GLY B 454 -14.34 15.50 3.36
C GLY B 454 -15.18 15.88 4.56
N GLY B 455 -15.06 15.09 5.62
CA GLY B 455 -15.75 15.31 6.89
C GLY B 455 -17.23 14.97 6.91
N THR B 456 -17.69 14.09 6.00
CA THR B 456 -19.09 13.65 5.99
C THR B 456 -19.33 12.77 7.21
N ASN B 457 -20.52 12.86 7.80
CA ASN B 457 -20.88 12.13 9.01
C ASN B 457 -21.23 10.67 8.76
N ILE B 458 -21.53 9.91 9.82
CA ILE B 458 -21.88 8.48 9.76
C ILE B 458 -23.14 8.12 8.97
N HIS B 459 -24.07 9.09 8.82
CA HIS B 459 -25.34 8.85 8.13
C HIS B 459 -25.29 9.18 6.63
N TYR B 460 -24.17 9.76 6.15
CA TYR B 460 -24.01 10.18 4.76
C TYR B 460 -24.26 9.10 3.70
N LEU B 461 -23.54 7.97 3.76
CA LEU B 461 -23.72 6.94 2.73
C LEU B 461 -25.16 6.46 2.57
N GLU B 462 -25.88 6.22 3.70
CA GLU B 462 -27.29 5.80 3.70
C GLU B 462 -28.18 6.85 3.07
N LYS B 463 -27.92 8.14 3.36
CA LYS B 463 -28.65 9.28 2.77
C LYS B 463 -28.39 9.36 1.26
N LYS B 464 -27.13 9.13 0.82
CA LYS B 464 -26.73 9.12 -0.59
C LYS B 464 -27.46 8.00 -1.36
N LEU B 465 -27.46 6.78 -0.80
CA LEU B 465 -28.09 5.63 -1.43
C LEU B 465 -29.62 5.68 -1.41
N GLY B 466 -30.19 6.17 -0.30
CA GLY B 466 -31.63 6.27 -0.10
C GLY B 466 -32.10 5.63 1.19
C CO3 C . 18.26 2.84 -17.35
O1 CO3 C . 17.26 3.70 -17.13
O2 CO3 C . 18.83 2.85 -18.55
O3 CO3 C . 18.67 2.05 -16.50
N1 JZK D . -24.21 7.72 21.80
C2 JZK D . -24.55 7.64 20.44
O3 JZK D . -25.00 8.59 19.77
C4 JZK D . -24.16 6.36 19.73
C5 JZK D . -24.55 6.16 18.37
C6 JZK D . -24.18 5.02 17.48
C7 JZK D . -23.35 4.09 18.28
N8 JZK D . -22.76 2.90 17.90
C9 JZK D . -22.66 2.40 16.53
C10 JZK D . -21.32 2.84 15.92
C11 JZK D . -21.03 1.92 14.73
C12 JZK D . -21.52 2.49 13.41
C13 JZK D . -21.02 3.91 13.10
C14 JZK D . -20.45 4.64 14.33
C15 JZK D . -21.37 4.35 15.53
C16 JZK D . -22.10 2.39 18.98
N17 JZK D . -21.44 1.21 18.88
C18 JZK D . -21.01 0.53 20.07
C19 JZK D . -22.09 -0.22 20.86
C20 JZK D . -23.31 -0.68 20.32
C21 JZK D . -24.22 -1.38 21.18
C22 JZK D . -23.92 -1.62 22.54
C23 JZK D . -22.71 -1.16 23.09
C24 JZK D . -21.81 -0.47 22.24
CL25 JZK D . -20.31 0.12 22.87
N26 JZK D . -22.19 3.19 20.01
C27 JZK D . -22.94 4.25 19.62
C28 JZK D . -23.33 5.37 20.35
#